data_5A4H
#
_entry.id   5A4H
#
_cell.length_a   1.000
_cell.length_b   1.000
_cell.length_c   1.000
_cell.angle_alpha   90.00
_cell.angle_beta   90.00
_cell.angle_gamma   90.00
#
_symmetry.space_group_name_H-M   'P 1'
#
_entity_poly.entity_id   1
_entity_poly.type   'polypeptide(L)'
_entity_poly.pdbx_seq_one_letter_code
;GAMGSVDSADAGGGSGWLTGWLPTWCPTSTSHLKEAEEK
;
_entity_poly.pdbx_strand_id   A
#
# COMPACT_ATOMS: atom_id res chain seq x y z
N GLY A 1 -7.49 0.60 13.22
CA GLY A 1 -6.90 0.14 11.98
C GLY A 1 -6.25 1.27 11.20
N ALA A 2 -5.18 0.94 10.46
CA ALA A 2 -4.48 1.94 9.66
C ALA A 2 -4.99 1.97 8.23
N MET A 3 -4.63 3.01 7.50
CA MET A 3 -5.06 3.15 6.10
C MET A 3 -4.12 4.08 5.35
N GLY A 4 -3.90 3.76 4.07
CA GLY A 4 -3.02 4.58 3.25
C GLY A 4 -3.61 5.94 2.94
N SER A 5 -3.17 6.54 1.83
CA SER A 5 -3.67 7.85 1.43
C SER A 5 -3.67 7.98 -0.09
N VAL A 6 -2.48 8.14 -0.66
CA VAL A 6 -2.34 8.28 -2.11
C VAL A 6 -1.00 7.73 -2.58
N ASP A 7 -1.06 6.83 -3.56
CA ASP A 7 0.15 6.22 -4.12
C ASP A 7 -0.19 5.32 -5.29
N SER A 8 0.83 4.75 -5.92
CA SER A 8 0.64 3.86 -7.06
C SER A 8 1.03 2.43 -6.71
N ALA A 9 2.32 2.20 -6.48
CA ALA A 9 2.82 0.88 -6.13
C ALA A 9 4.32 0.92 -5.88
N ASP A 10 4.77 0.13 -4.89
CA ASP A 10 6.18 0.08 -4.55
C ASP A 10 6.59 -1.35 -4.20
N ALA A 11 5.85 -1.96 -3.28
CA ALA A 11 6.13 -3.32 -2.85
C ALA A 11 5.42 -4.34 -3.75
N GLY A 12 4.12 -4.15 -3.93
CA GLY A 12 3.34 -5.06 -4.75
C GLY A 12 2.64 -6.13 -3.94
N GLY A 13 2.54 -5.91 -2.63
CA GLY A 13 1.89 -6.87 -1.76
C GLY A 13 2.82 -7.42 -0.71
N GLY A 14 2.35 -8.43 0.02
CA GLY A 14 3.17 -9.02 1.07
C GLY A 14 3.26 -10.53 0.94
N SER A 15 3.92 -11.16 1.90
CA SER A 15 4.08 -12.62 1.90
C SER A 15 4.35 -13.14 3.30
N GLY A 16 5.02 -12.34 4.11
CA GLY A 16 5.33 -12.74 5.47
C GLY A 16 5.44 -11.56 6.40
N TRP A 17 6.63 -11.01 6.53
CA TRP A 17 6.86 -9.87 7.42
C TRP A 17 5.92 -8.73 7.08
N LEU A 18 5.47 -8.68 5.83
CA LEU A 18 4.55 -7.63 5.37
C LEU A 18 3.19 -7.79 6.03
N THR A 19 3.08 -8.76 6.94
CA THR A 19 1.83 -9.01 7.63
C THR A 19 1.59 -8.00 8.74
N GLY A 20 2.35 -6.90 8.71
CA GLY A 20 2.21 -5.87 9.71
C GLY A 20 3.49 -5.65 10.49
N TRP A 21 4.59 -5.40 9.78
CA TRP A 21 5.88 -5.17 10.41
C TRP A 21 6.49 -3.85 9.93
N LEU A 22 5.64 -2.84 9.76
CA LEU A 22 6.10 -1.53 9.32
C LEU A 22 5.09 -0.44 9.69
N PRO A 23 5.57 0.81 9.75
CA PRO A 23 4.72 1.96 10.09
C PRO A 23 3.73 2.30 8.99
N THR A 24 3.14 3.48 9.07
CA THR A 24 2.17 3.93 8.08
C THR A 24 2.78 3.90 6.68
N TRP A 25 4.09 3.78 6.61
CA TRP A 25 4.79 3.74 5.32
C TRP A 25 4.38 2.52 4.52
N CYS A 26 3.34 2.66 3.70
CA CYS A 26 2.85 1.57 2.88
C CYS A 26 2.18 2.09 1.62
N PRO A 27 3.00 2.55 0.67
CA PRO A 27 2.51 3.09 -0.61
C PRO A 27 1.92 2.01 -1.50
N THR A 28 2.11 0.75 -1.12
CA THR A 28 1.60 -0.38 -1.89
C THR A 28 0.09 -0.27 -2.06
N SER A 29 -0.56 0.42 -1.15
CA SER A 29 -2.01 0.58 -1.19
C SER A 29 -2.43 1.36 -2.44
N THR A 30 -2.86 0.63 -3.47
CA THR A 30 -3.28 1.25 -4.71
C THR A 30 -4.79 1.45 -4.73
N SER A 31 -5.38 1.63 -3.56
CA SER A 31 -6.82 1.83 -3.44
C SER A 31 -7.25 3.08 -4.21
N HIS A 32 -8.53 3.43 -4.08
CA HIS A 32 -9.07 4.60 -4.76
C HIS A 32 -10.55 4.78 -4.44
N LEU A 33 -11.32 3.71 -4.60
CA LEU A 33 -12.75 3.75 -4.33
C LEU A 33 -13.07 3.13 -2.98
N LYS A 34 -12.52 3.73 -1.92
CA LYS A 34 -12.75 3.24 -0.55
C LYS A 34 -14.24 3.08 -0.28
N GLU A 35 -14.57 2.19 0.64
CA GLU A 35 -15.96 1.94 1.00
C GLU A 35 -16.61 3.20 1.58
N ALA A 36 -17.79 3.06 2.13
CA ALA A 36 -18.51 4.18 2.72
C ALA A 36 -17.72 4.81 3.86
N GLU A 37 -16.99 5.87 3.54
CA GLU A 37 -16.17 6.56 4.54
C GLU A 37 -15.45 7.75 3.93
N GLU A 38 -14.62 8.41 4.73
CA GLU A 38 -13.87 9.57 4.28
C GLU A 38 -12.89 9.17 3.17
N LYS A 39 -12.91 9.91 2.07
CA LYS A 39 -12.02 9.64 0.95
C LYS A 39 -10.58 10.00 1.29
N GLY A 1 13.18 14.30 13.79
CA GLY A 1 13.94 14.77 12.64
C GLY A 1 13.44 14.20 11.33
N ALA A 2 13.05 12.93 11.34
CA ALA A 2 12.55 12.28 10.15
C ALA A 2 11.29 12.96 9.63
N MET A 3 10.89 12.62 8.41
CA MET A 3 9.71 13.21 7.80
C MET A 3 8.78 12.12 7.26
N GLY A 4 7.75 12.54 6.52
CA GLY A 4 6.82 11.59 5.96
C GLY A 4 6.88 11.54 4.44
N SER A 5 6.50 12.65 3.80
CA SER A 5 6.52 12.72 2.34
C SER A 5 5.54 11.71 1.74
N VAL A 6 5.21 11.91 0.47
CA VAL A 6 4.29 11.02 -0.23
C VAL A 6 5.03 9.86 -0.89
N ASP A 7 4.38 8.70 -0.94
CA ASP A 7 4.98 7.51 -1.54
C ASP A 7 4.17 7.04 -2.74
N SER A 8 4.68 6.03 -3.44
CA SER A 8 4.01 5.49 -4.61
C SER A 8 3.53 4.06 -4.35
N ALA A 9 4.49 3.14 -4.22
CA ALA A 9 4.17 1.74 -3.97
C ALA A 9 3.38 1.15 -5.13
N ASP A 10 4.05 0.37 -5.97
CA ASP A 10 3.40 -0.26 -7.11
C ASP A 10 2.21 -1.10 -6.66
N ALA A 11 2.45 -2.05 -5.76
CA ALA A 11 1.40 -2.91 -5.25
C ALA A 11 1.94 -3.88 -4.21
N GLY A 12 2.44 -3.34 -3.10
CA GLY A 12 2.98 -4.18 -2.05
C GLY A 12 1.92 -4.59 -1.05
N GLY A 13 1.24 -5.70 -1.33
CA GLY A 13 0.21 -6.18 -0.43
C GLY A 13 0.78 -6.86 0.79
N GLY A 14 -0.01 -7.74 1.40
CA GLY A 14 0.44 -8.44 2.59
C GLY A 14 0.40 -9.95 2.42
N SER A 15 1.28 -10.65 3.13
CA SER A 15 1.35 -12.10 3.05
C SER A 15 1.94 -12.70 4.33
N GLY A 16 2.85 -11.95 4.95
CA GLY A 16 3.48 -12.42 6.17
C GLY A 16 3.95 -11.27 7.05
N TRP A 17 5.19 -10.86 6.86
CA TRP A 17 5.76 -9.77 7.64
C TRP A 17 4.87 -8.53 7.58
N LEU A 18 4.12 -8.39 6.50
CA LEU A 18 3.22 -7.26 6.32
C LEU A 18 2.07 -7.31 7.31
N THR A 19 2.11 -8.29 8.21
CA THR A 19 1.08 -8.44 9.23
C THR A 19 1.27 -7.45 10.37
N GLY A 20 2.08 -6.43 10.13
CA GLY A 20 2.33 -5.42 11.14
C GLY A 20 3.80 -5.34 11.53
N TRP A 21 4.66 -5.17 10.54
CA TRP A 21 6.09 -5.08 10.78
C TRP A 21 6.68 -3.81 10.17
N LEU A 22 5.92 -2.73 10.24
CA LEU A 22 6.37 -1.45 9.68
C LEU A 22 5.63 -0.28 10.33
N PRO A 23 6.24 0.91 10.26
CA PRO A 23 5.66 2.12 10.84
C PRO A 23 4.42 2.59 10.09
N THR A 24 4.02 3.83 10.34
CA THR A 24 2.84 4.40 9.69
C THR A 24 2.97 4.34 8.18
N TRP A 25 4.19 4.10 7.70
CA TRP A 25 4.44 4.02 6.27
C TRP A 25 3.68 2.86 5.65
N CYS A 26 2.47 3.13 5.19
CA CYS A 26 1.65 2.10 4.57
C CYS A 26 0.67 2.71 3.58
N PRO A 27 1.18 3.09 2.40
CA PRO A 27 0.37 3.70 1.34
C PRO A 27 -0.59 2.70 0.70
N THR A 28 -1.58 3.22 -0.01
CA THR A 28 -2.57 2.38 -0.67
C THR A 28 -2.18 2.10 -2.12
N SER A 29 -0.89 2.24 -2.42
CA SER A 29 -0.38 2.00 -3.77
C SER A 29 -1.17 2.82 -4.79
N THR A 30 -0.94 2.53 -6.07
CA THR A 30 -1.63 3.24 -7.14
C THR A 30 -2.46 2.29 -8.00
N SER A 31 -2.85 1.16 -7.39
CA SER A 31 -3.64 0.16 -8.11
C SER A 31 -5.09 0.60 -8.23
N HIS A 32 -5.81 -0.03 -9.16
CA HIS A 32 -7.22 0.30 -9.38
C HIS A 32 -7.82 -0.59 -10.47
N LEU A 33 -7.43 -0.33 -11.71
CA LEU A 33 -7.94 -1.11 -12.84
C LEU A 33 -7.25 -2.47 -12.92
N LYS A 34 -7.46 -3.29 -11.91
CA LYS A 34 -6.87 -4.62 -11.87
C LYS A 34 -7.23 -5.42 -13.12
N GLU A 35 -6.36 -6.37 -13.48
CA GLU A 35 -6.59 -7.20 -14.65
C GLU A 35 -7.96 -7.87 -14.58
N ALA A 36 -8.74 -7.73 -15.66
CA ALA A 36 -10.07 -8.32 -15.72
C ALA A 36 -10.70 -8.10 -17.09
N GLU A 37 -11.97 -8.48 -17.22
CA GLU A 37 -12.69 -8.34 -18.47
C GLU A 37 -12.84 -6.86 -18.83
N GLU A 38 -13.15 -6.59 -20.10
CA GLU A 38 -13.33 -5.22 -20.57
C GLU A 38 -14.79 -4.95 -20.91
N LYS A 39 -15.22 -3.72 -20.66
CA LYS A 39 -16.60 -3.33 -20.93
C LYS A 39 -16.80 -3.03 -22.41
N GLY A 1 -1.62 15.44 12.70
CA GLY A 1 -1.00 14.35 11.97
C GLY A 1 -1.31 14.40 10.48
N ALA A 2 -0.33 14.04 9.67
CA ALA A 2 -0.50 14.04 8.22
C ALA A 2 -0.93 12.67 7.71
N MET A 3 -1.39 12.62 6.46
CA MET A 3 -1.83 11.37 5.86
C MET A 3 -1.07 11.09 4.57
N GLY A 4 -1.39 11.84 3.52
CA GLY A 4 -0.73 11.67 2.25
C GLY A 4 -1.66 11.12 1.18
N SER A 5 -1.76 9.80 1.11
CA SER A 5 -2.63 9.16 0.11
C SER A 5 -2.16 9.47 -1.30
N VAL A 6 -1.52 8.49 -1.93
CA VAL A 6 -1.01 8.66 -3.30
C VAL A 6 -0.83 7.32 -3.99
N ASP A 7 -0.99 7.31 -5.30
CA ASP A 7 -0.85 6.08 -6.08
C ASP A 7 0.62 5.71 -6.24
N SER A 8 1.14 4.95 -5.28
CA SER A 8 2.54 4.52 -5.31
C SER A 8 2.65 3.00 -5.23
N ALA A 9 1.59 2.32 -5.63
CA ALA A 9 1.56 0.86 -5.60
C ALA A 9 2.78 0.28 -6.33
N ASP A 10 3.62 -0.43 -5.59
CA ASP A 10 4.81 -1.04 -6.17
C ASP A 10 4.93 -2.50 -5.75
N ALA A 11 4.63 -2.78 -4.49
CA ALA A 11 4.70 -4.13 -3.97
C ALA A 11 4.21 -4.20 -2.52
N GLY A 12 2.94 -3.85 -2.32
CA GLY A 12 2.38 -3.87 -0.98
C GLY A 12 2.12 -5.28 -0.48
N GLY A 13 1.93 -6.21 -1.41
CA GLY A 13 1.68 -7.59 -1.05
C GLY A 13 2.70 -8.14 -0.08
N GLY A 14 2.24 -8.82 0.96
CA GLY A 14 3.13 -9.38 1.96
C GLY A 14 3.22 -10.89 1.86
N SER A 15 3.92 -11.49 2.82
CA SER A 15 4.09 -12.94 2.85
C SER A 15 4.41 -13.43 4.25
N GLY A 16 5.12 -12.61 5.01
CA GLY A 16 5.48 -12.97 6.37
C GLY A 16 5.61 -11.76 7.28
N TRP A 17 6.81 -11.18 7.31
CA TRP A 17 7.06 -10.01 8.15
C TRP A 17 6.09 -8.88 7.81
N LEU A 18 5.60 -8.87 6.57
CA LEU A 18 4.66 -7.85 6.13
C LEU A 18 3.32 -7.99 6.83
N THR A 19 3.25 -8.93 7.77
CA THR A 19 2.02 -9.15 8.52
C THR A 19 1.82 -8.11 9.61
N GLY A 20 2.57 -7.01 9.51
CA GLY A 20 2.47 -5.94 10.48
C GLY A 20 3.78 -5.70 11.21
N TRP A 21 4.84 -5.48 10.44
CA TRP A 21 6.16 -5.22 11.03
C TRP A 21 6.75 -3.92 10.49
N LEU A 22 5.89 -2.92 10.32
CA LEU A 22 6.33 -1.62 9.82
C LEU A 22 5.34 -0.52 10.19
N PRO A 23 5.82 0.73 10.21
CA PRO A 23 4.98 1.89 10.54
C PRO A 23 3.94 2.19 9.47
N THR A 24 3.36 3.38 9.54
CA THR A 24 2.35 3.79 8.56
C THR A 24 2.90 3.73 7.15
N TRP A 25 4.21 3.62 7.03
CA TRP A 25 4.86 3.54 5.72
C TRP A 25 4.44 2.29 4.97
N CYS A 26 3.36 2.42 4.19
CA CYS A 26 2.84 1.30 3.42
C CYS A 26 2.13 1.79 2.16
N PRO A 27 2.91 2.24 1.17
CA PRO A 27 2.38 2.75 -0.10
C PRO A 27 1.77 1.63 -0.95
N THR A 28 0.60 1.14 -0.52
CA THR A 28 -0.09 0.08 -1.25
C THR A 28 -1.24 0.64 -2.07
N SER A 29 -1.05 1.83 -2.63
CA SER A 29 -2.08 2.48 -3.44
C SER A 29 -3.30 2.81 -2.59
N THR A 30 -3.56 4.10 -2.40
CA THR A 30 -4.70 4.55 -1.61
C THR A 30 -5.90 4.86 -2.50
N SER A 31 -5.96 4.19 -3.65
CA SER A 31 -7.06 4.41 -4.59
C SER A 31 -8.41 4.14 -3.93
N HIS A 32 -9.48 4.29 -4.70
CA HIS A 32 -10.82 4.07 -4.19
C HIS A 32 -11.86 4.21 -5.30
N LEU A 33 -12.07 5.44 -5.73
CA LEU A 33 -13.04 5.72 -6.80
C LEU A 33 -12.46 5.38 -8.17
N LYS A 34 -12.16 4.10 -8.37
CA LYS A 34 -11.60 3.63 -9.63
C LYS A 34 -12.51 4.02 -10.79
N GLU A 35 -11.91 4.20 -11.97
CA GLU A 35 -12.67 4.57 -13.16
C GLU A 35 -13.49 3.39 -13.67
N ALA A 36 -14.39 3.66 -14.61
CA ALA A 36 -15.24 2.62 -15.17
C ALA A 36 -16.12 1.98 -14.11
N GLU A 37 -16.48 2.77 -13.10
CA GLU A 37 -17.31 2.27 -12.00
C GLU A 37 -18.79 2.34 -12.37
N GLU A 38 -19.64 2.10 -11.38
CA GLU A 38 -21.09 2.13 -11.61
C GLU A 38 -21.51 3.44 -12.27
N LYS A 39 -22.51 3.36 -13.14
CA LYS A 39 -23.01 4.53 -13.84
C LYS A 39 -23.34 5.65 -12.86
N GLY A 1 0.61 13.14 16.84
CA GLY A 1 1.50 13.32 15.71
C GLY A 1 0.85 12.97 14.39
N ALA A 2 0.81 13.93 13.47
CA ALA A 2 0.21 13.72 12.16
C ALA A 2 1.26 13.30 11.14
N MET A 3 0.80 12.81 9.99
CA MET A 3 1.69 12.38 8.92
C MET A 3 1.07 12.63 7.55
N GLY A 4 1.82 12.30 6.51
CA GLY A 4 1.33 12.50 5.15
C GLY A 4 1.89 11.49 4.18
N SER A 5 1.52 11.63 2.90
CA SER A 5 2.00 10.72 1.87
C SER A 5 1.44 11.10 0.51
N VAL A 6 1.81 10.34 -0.52
CA VAL A 6 1.33 10.60 -1.87
C VAL A 6 1.02 9.31 -2.61
N ASP A 7 0.61 9.42 -3.86
CA ASP A 7 0.29 8.26 -4.68
C ASP A 7 1.55 7.48 -5.05
N SER A 8 2.00 6.63 -4.14
CA SER A 8 3.20 5.82 -4.36
C SER A 8 2.90 4.34 -4.20
N ALA A 9 1.63 3.97 -4.38
CA ALA A 9 1.22 2.58 -4.25
C ALA A 9 1.96 1.69 -5.23
N ASP A 10 2.74 0.75 -4.71
CA ASP A 10 3.51 -0.17 -5.55
C ASP A 10 3.11 -1.61 -5.27
N ALA A 11 3.27 -2.03 -4.02
CA ALA A 11 2.93 -3.39 -3.62
C ALA A 11 2.52 -3.45 -2.15
N GLY A 12 1.46 -2.73 -1.81
CA GLY A 12 0.98 -2.71 -0.44
C GLY A 12 0.58 -4.09 0.05
N GLY A 13 0.35 -5.00 -0.88
CA GLY A 13 -0.04 -6.35 -0.53
C GLY A 13 0.91 -6.98 0.48
N GLY A 14 0.42 -7.98 1.22
CA GLY A 14 1.25 -8.64 2.20
C GLY A 14 1.22 -10.15 2.05
N SER A 15 2.05 -10.84 2.82
CA SER A 15 2.12 -12.30 2.77
C SER A 15 2.63 -12.86 4.09
N GLY A 16 3.51 -12.11 4.75
CA GLY A 16 4.07 -12.56 6.02
C GLY A 16 4.44 -11.40 6.92
N TRP A 17 5.68 -10.93 6.80
CA TRP A 17 6.16 -9.82 7.62
C TRP A 17 5.23 -8.61 7.50
N LEU A 18 4.55 -8.51 6.36
CA LEU A 18 3.64 -7.40 6.11
C LEU A 18 2.42 -7.49 7.01
N THR A 19 2.43 -8.46 7.93
CA THR A 19 1.32 -8.65 8.86
C THR A 19 1.39 -7.64 10.00
N GLY A 20 2.18 -6.60 9.81
CA GLY A 20 2.33 -5.58 10.83
C GLY A 20 3.75 -5.45 11.34
N TRP A 21 4.69 -5.25 10.41
CA TRP A 21 6.09 -5.11 10.77
C TRP A 21 6.69 -3.83 10.19
N LEU A 22 5.89 -2.77 10.18
CA LEU A 22 6.34 -1.49 9.66
C LEU A 22 5.50 -0.34 10.23
N PRO A 23 6.06 0.87 10.21
CA PRO A 23 5.39 2.07 10.71
C PRO A 23 4.22 2.49 9.85
N THR A 24 3.73 3.71 10.05
CA THR A 24 2.61 4.23 9.28
C THR A 24 2.90 4.18 7.78
N TRP A 25 4.16 3.99 7.43
CA TRP A 25 4.57 3.92 6.04
C TRP A 25 3.92 2.73 5.34
N CYS A 26 2.75 2.96 4.77
CA CYS A 26 2.03 1.90 4.06
C CYS A 26 1.14 2.49 2.96
N PRO A 27 1.77 2.90 1.85
CA PRO A 27 1.06 3.48 0.71
C PRO A 27 0.21 2.46 -0.03
N THR A 28 -0.90 2.07 0.58
CA THR A 28 -1.80 1.09 -0.02
C THR A 28 -2.92 1.77 -0.80
N SER A 29 -2.59 2.89 -1.44
CA SER A 29 -3.58 3.64 -2.21
C SER A 29 -4.21 2.76 -3.29
N THR A 30 -5.10 3.35 -4.07
CA THR A 30 -5.80 2.63 -5.13
C THR A 30 -5.09 2.81 -6.47
N SER A 31 -3.78 3.04 -6.41
CA SER A 31 -2.99 3.24 -7.63
C SER A 31 -2.03 2.09 -7.84
N HIS A 32 -2.57 0.93 -8.24
CA HIS A 32 -1.76 -0.26 -8.48
C HIS A 32 -2.63 -1.41 -8.97
N LEU A 33 -3.48 -1.92 -8.09
CA LEU A 33 -4.36 -3.04 -8.44
C LEU A 33 -5.54 -2.55 -9.27
N LYS A 34 -5.24 -2.03 -10.46
CA LYS A 34 -6.28 -1.53 -11.36
C LYS A 34 -7.36 -2.59 -11.59
N GLU A 35 -8.56 -2.14 -11.91
CA GLU A 35 -9.67 -3.06 -12.16
C GLU A 35 -9.28 -4.13 -13.19
N ALA A 36 -9.57 -5.38 -12.86
CA ALA A 36 -9.24 -6.50 -13.75
C ALA A 36 -10.51 -7.10 -14.33
N GLU A 37 -10.36 -8.25 -14.99
CA GLU A 37 -11.49 -8.94 -15.60
C GLU A 37 -12.11 -8.09 -16.71
N GLU A 38 -11.85 -8.48 -17.96
CA GLU A 38 -12.39 -7.76 -19.11
C GLU A 38 -13.51 -8.55 -19.78
N LYS A 39 -14.50 -7.83 -20.29
CA LYS A 39 -15.64 -8.47 -20.96
C LYS A 39 -16.43 -9.34 -20.00
N GLY A 1 9.11 16.23 14.58
CA GLY A 1 8.37 15.01 14.84
C GLY A 1 7.36 14.70 13.76
N ALA A 2 6.99 15.72 12.99
CA ALA A 2 6.03 15.55 11.91
C ALA A 2 6.73 15.17 10.60
N MET A 3 5.94 14.74 9.62
CA MET A 3 6.47 14.35 8.33
C MET A 3 5.38 14.33 7.26
N GLY A 4 5.79 14.20 6.01
CA GLY A 4 4.83 14.18 4.91
C GLY A 4 5.41 13.57 3.65
N SER A 5 5.50 14.38 2.60
CA SER A 5 6.04 13.91 1.33
C SER A 5 5.15 12.83 0.73
N VAL A 6 5.29 12.60 -0.57
CA VAL A 6 4.50 11.59 -1.26
C VAL A 6 5.13 10.20 -1.10
N ASP A 7 4.38 9.17 -1.50
CA ASP A 7 4.87 7.80 -1.41
C ASP A 7 5.22 7.25 -2.79
N SER A 8 5.59 5.98 -2.84
CA SER A 8 5.95 5.34 -4.09
C SER A 8 5.09 4.10 -4.34
N ALA A 9 4.89 3.30 -3.29
CA ALA A 9 4.09 2.09 -3.38
C ALA A 9 4.73 1.09 -4.34
N ASP A 10 5.32 0.04 -3.78
CA ASP A 10 5.97 -1.00 -4.59
C ASP A 10 5.29 -2.34 -4.38
N ALA A 11 5.03 -2.68 -3.12
CA ALA A 11 4.38 -3.94 -2.80
C ALA A 11 3.61 -3.84 -1.48
N GLY A 12 2.56 -3.03 -1.48
CA GLY A 12 1.76 -2.85 -0.28
C GLY A 12 1.13 -4.16 0.18
N GLY A 13 1.06 -5.14 -0.72
CA GLY A 13 0.48 -6.41 -0.37
C GLY A 13 1.10 -7.03 0.87
N GLY A 14 0.56 -8.17 1.30
CA GLY A 14 1.09 -8.84 2.47
C GLY A 14 1.10 -10.34 2.34
N SER A 15 1.98 -11.00 3.06
CA SER A 15 2.09 -12.46 3.02
C SER A 15 2.64 -13.01 4.33
N GLY A 16 3.52 -12.25 4.97
CA GLY A 16 4.09 -12.67 6.23
C GLY A 16 4.47 -11.51 7.12
N TRP A 17 5.71 -11.03 6.97
CA TRP A 17 6.19 -9.90 7.77
C TRP A 17 5.26 -8.71 7.65
N LEU A 18 4.56 -8.63 6.51
CA LEU A 18 3.63 -7.53 6.28
C LEU A 18 2.43 -7.61 7.21
N THR A 19 2.46 -8.56 8.12
CA THR A 19 1.37 -8.76 9.08
C THR A 19 1.46 -7.73 10.21
N GLY A 20 2.24 -6.68 9.99
CA GLY A 20 2.39 -5.65 11.00
C GLY A 20 3.82 -5.51 11.48
N TRP A 21 4.74 -5.32 10.54
CA TRP A 21 6.15 -5.17 10.87
C TRP A 21 6.73 -3.90 10.26
N LEU A 22 5.92 -2.83 10.27
CA LEU A 22 6.35 -1.55 9.72
C LEU A 22 5.50 -0.41 10.27
N PRO A 23 6.05 0.81 10.24
CA PRO A 23 5.37 2.01 10.73
C PRO A 23 4.18 2.41 9.85
N THR A 24 3.70 3.63 10.04
CA THR A 24 2.57 4.12 9.26
C THR A 24 2.87 4.07 7.77
N TRP A 25 4.13 3.88 7.42
CA TRP A 25 4.54 3.80 6.02
C TRP A 25 3.92 2.61 5.33
N CYS A 26 2.74 2.82 4.75
CA CYS A 26 2.03 1.75 4.06
C CYS A 26 1.14 2.32 2.95
N PRO A 27 1.78 2.75 1.85
CA PRO A 27 1.07 3.32 0.69
C PRO A 27 0.26 2.28 -0.06
N THR A 28 -0.85 1.84 0.55
CA THR A 28 -1.72 0.85 -0.07
C THR A 28 -2.49 1.44 -1.24
N SER A 29 -2.44 2.76 -1.37
CA SER A 29 -3.14 3.45 -2.46
C SER A 29 -2.42 3.24 -3.79
N THR A 30 -2.59 2.05 -4.35
CA THR A 30 -1.97 1.72 -5.63
C THR A 30 -3.01 1.46 -6.70
N SER A 31 -4.21 1.11 -6.28
CA SER A 31 -5.30 0.83 -7.21
C SER A 31 -5.47 1.98 -8.20
N HIS A 32 -6.14 1.68 -9.32
CA HIS A 32 -6.37 2.70 -10.35
C HIS A 32 -7.16 2.10 -11.52
N LEU A 33 -6.53 1.18 -12.24
CA LEU A 33 -7.18 0.54 -13.39
C LEU A 33 -8.09 -0.59 -12.93
N LYS A 34 -9.14 -0.24 -12.20
CA LYS A 34 -10.09 -1.22 -11.70
C LYS A 34 -10.62 -2.09 -12.83
N GLU A 35 -11.01 -3.32 -12.50
CA GLU A 35 -11.53 -4.25 -13.50
C GLU A 35 -12.83 -3.73 -14.10
N ALA A 36 -13.50 -4.58 -14.87
CA ALA A 36 -14.76 -4.21 -15.52
C ALA A 36 -15.47 -5.43 -16.08
N GLU A 37 -16.58 -5.19 -16.77
CA GLU A 37 -17.35 -6.27 -17.37
C GLU A 37 -18.07 -5.80 -18.63
N GLU A 38 -18.37 -6.74 -19.53
CA GLU A 38 -19.05 -6.41 -20.77
C GLU A 38 -20.47 -6.98 -20.78
N LYS A 39 -21.43 -6.16 -20.37
CA LYS A 39 -22.83 -6.58 -20.32
C LYS A 39 -22.98 -7.89 -19.55
N GLY A 1 17.27 1.46 8.05
CA GLY A 1 17.95 0.67 7.04
C GLY A 1 17.26 0.73 5.69
N ALA A 2 15.98 1.13 5.71
CA ALA A 2 15.21 1.23 4.47
C ALA A 2 15.58 2.48 3.69
N MET A 3 15.18 2.52 2.42
CA MET A 3 15.49 3.66 1.56
C MET A 3 14.23 4.15 0.85
N GLY A 4 14.31 5.32 0.24
CA GLY A 4 13.18 5.89 -0.46
C GLY A 4 12.98 5.26 -1.83
N SER A 5 11.74 5.26 -2.30
CA SER A 5 11.42 4.68 -3.61
C SER A 5 10.04 5.13 -4.07
N VAL A 6 9.66 4.70 -5.27
CA VAL A 6 8.36 5.05 -5.83
C VAL A 6 7.28 4.08 -5.36
N ASP A 7 6.03 4.39 -5.70
CA ASP A 7 4.91 3.54 -5.32
C ASP A 7 4.48 2.65 -6.48
N SER A 8 4.86 1.37 -6.41
CA SER A 8 4.52 0.41 -7.45
C SER A 8 3.79 -0.79 -6.86
N ALA A 9 3.19 -0.60 -5.70
CA ALA A 9 2.45 -1.67 -5.03
C ALA A 9 1.12 -1.92 -5.72
N ASP A 10 1.02 -3.05 -6.42
CA ASP A 10 -0.21 -3.42 -7.11
C ASP A 10 -1.37 -3.57 -6.14
N ALA A 11 -1.28 -4.56 -5.28
CA ALA A 11 -2.33 -4.81 -4.28
C ALA A 11 -1.94 -5.96 -3.35
N GLY A 12 -0.66 -6.04 -3.03
CA GLY A 12 -0.17 -7.09 -2.15
C GLY A 12 -0.69 -6.94 -0.73
N GLY A 13 -1.57 -7.86 -0.32
CA GLY A 13 -2.12 -7.81 1.02
C GLY A 13 -1.26 -8.54 2.03
N GLY A 14 0.04 -8.28 2.00
CA GLY A 14 0.95 -8.94 2.93
C GLY A 14 0.92 -10.44 2.80
N SER A 15 1.82 -11.12 3.50
CA SER A 15 1.90 -12.57 3.46
C SER A 15 2.48 -13.12 4.76
N GLY A 16 3.40 -12.37 5.36
CA GLY A 16 4.01 -12.80 6.60
C GLY A 16 4.42 -11.64 7.48
N TRP A 17 5.61 -11.11 7.25
CA TRP A 17 6.12 -9.98 8.02
C TRP A 17 5.20 -8.78 7.90
N LEU A 18 4.46 -8.71 6.79
CA LEU A 18 3.54 -7.61 6.56
C LEU A 18 2.37 -7.66 7.53
N THR A 19 2.42 -8.61 8.46
CA THR A 19 1.37 -8.77 9.45
C THR A 19 1.49 -7.73 10.56
N GLY A 20 2.27 -6.69 10.30
CA GLY A 20 2.46 -5.64 11.28
C GLY A 20 3.90 -5.50 11.72
N TRP A 21 4.79 -5.33 10.76
CA TRP A 21 6.21 -5.19 11.05
C TRP A 21 6.78 -3.93 10.40
N LEU A 22 5.98 -2.86 10.41
CA LEU A 22 6.41 -1.59 9.84
C LEU A 22 5.61 -0.43 10.41
N PRO A 23 6.18 0.78 10.34
CA PRO A 23 5.52 1.99 10.85
C PRO A 23 4.31 2.40 10.02
N THR A 24 3.84 3.62 10.22
CA THR A 24 2.69 4.13 9.50
C THR A 24 2.90 4.04 7.99
N TRP A 25 4.15 3.83 7.59
CA TRP A 25 4.48 3.72 6.17
C TRP A 25 3.80 2.51 5.54
N CYS A 26 2.60 2.72 5.02
CA CYS A 26 1.85 1.64 4.39
C CYS A 26 0.91 2.19 3.32
N PRO A 27 1.49 2.57 2.17
CA PRO A 27 0.71 3.12 1.05
C PRO A 27 -0.17 2.07 0.38
N THR A 28 -1.32 2.50 -0.13
CA THR A 28 -2.24 1.60 -0.80
C THR A 28 -2.49 2.03 -2.24
N SER A 29 -1.46 2.56 -2.88
CA SER A 29 -1.56 3.02 -4.27
C SER A 29 -2.16 1.92 -5.15
N THR A 30 -3.14 2.29 -5.96
CA THR A 30 -3.79 1.34 -6.86
C THR A 30 -3.30 1.52 -8.28
N SER A 31 -3.04 2.76 -8.67
CA SER A 31 -2.56 3.07 -10.01
C SER A 31 -3.47 2.44 -11.07
N HIS A 32 -4.77 2.69 -10.95
CA HIS A 32 -5.74 2.14 -11.90
C HIS A 32 -7.15 2.60 -11.54
N LEU A 33 -7.67 2.11 -10.43
CA LEU A 33 -9.01 2.47 -9.98
C LEU A 33 -9.02 3.86 -9.36
N LYS A 34 -8.74 4.87 -10.17
CA LYS A 34 -8.73 6.25 -9.70
C LYS A 34 -10.02 6.60 -9.00
N GLU A 35 -9.96 7.57 -8.08
CA GLU A 35 -11.13 7.99 -7.33
C GLU A 35 -11.23 9.52 -7.30
N ALA A 36 -12.14 10.03 -6.47
CA ALA A 36 -12.33 11.47 -6.35
C ALA A 36 -12.83 12.07 -7.66
N GLU A 37 -13.78 11.39 -8.30
CA GLU A 37 -14.33 11.84 -9.56
C GLU A 37 -13.22 12.16 -10.56
N GLU A 38 -12.79 11.12 -11.29
CA GLU A 38 -11.73 11.29 -12.28
C GLU A 38 -12.28 11.11 -13.70
N LYS A 39 -11.74 11.87 -14.64
CA LYS A 39 -12.17 11.80 -16.03
C LYS A 39 -12.16 10.36 -16.53
N GLY A 1 0.19 11.24 16.67
CA GLY A 1 -1.17 10.84 16.35
C GLY A 1 -1.54 11.17 14.92
N ALA A 2 -1.14 12.34 14.46
CA ALA A 2 -1.44 12.78 13.10
C ALA A 2 -0.32 12.39 12.14
N MET A 3 -0.69 11.79 11.01
CA MET A 3 0.28 11.37 10.01
C MET A 3 -0.17 11.79 8.62
N GLY A 4 0.66 11.48 7.62
CA GLY A 4 0.33 11.82 6.25
C GLY A 4 1.17 11.05 5.24
N SER A 5 1.90 11.78 4.40
CA SER A 5 2.74 11.16 3.38
C SER A 5 1.90 10.38 2.39
N VAL A 6 2.48 10.10 1.23
CA VAL A 6 1.79 9.36 0.18
C VAL A 6 2.75 8.91 -0.91
N ASP A 7 2.62 7.66 -1.33
CA ASP A 7 3.48 7.10 -2.37
C ASP A 7 2.69 6.17 -3.28
N SER A 8 3.36 5.62 -4.29
CA SER A 8 2.73 4.71 -5.23
C SER A 8 2.62 3.30 -4.64
N ALA A 9 3.76 2.65 -4.46
CA ALA A 9 3.79 1.31 -3.91
C ALA A 9 5.23 0.83 -3.71
N ASP A 10 5.41 -0.11 -2.79
CA ASP A 10 6.73 -0.66 -2.50
C ASP A 10 6.66 -2.15 -2.22
N ALA A 11 5.58 -2.78 -2.70
CA ALA A 11 5.40 -4.21 -2.52
C ALA A 11 4.13 -4.70 -3.21
N GLY A 12 3.03 -3.97 -3.02
CA GLY A 12 1.78 -4.33 -3.64
C GLY A 12 0.91 -5.18 -2.73
N GLY A 13 1.55 -6.04 -1.94
CA GLY A 13 0.81 -6.90 -1.03
C GLY A 13 1.68 -7.46 0.07
N GLY A 14 1.21 -8.53 0.71
CA GLY A 14 1.97 -9.14 1.79
C GLY A 14 2.02 -10.65 1.67
N SER A 15 2.84 -11.28 2.51
CA SER A 15 2.97 -12.73 2.50
C SER A 15 3.41 -13.25 3.87
N GLY A 16 4.21 -12.45 4.57
CA GLY A 16 4.67 -12.84 5.90
C GLY A 16 4.92 -11.64 6.80
N TRP A 17 6.14 -11.13 6.77
CA TRP A 17 6.50 -9.98 7.59
C TRP A 17 5.55 -8.81 7.36
N LEU A 18 4.95 -8.77 6.17
CA LEU A 18 4.02 -7.70 5.82
C LEU A 18 2.73 -7.82 6.63
N THR A 19 2.71 -8.78 7.56
CA THR A 19 1.55 -8.99 8.41
C THR A 19 1.48 -7.95 9.53
N GLY A 20 2.25 -6.88 9.37
CA GLY A 20 2.27 -5.83 10.38
C GLY A 20 3.64 -5.63 10.99
N TRP A 21 4.64 -5.42 10.15
CA TRP A 21 6.01 -5.22 10.61
C TRP A 21 6.58 -3.93 10.05
N LEU A 22 5.75 -2.90 9.96
CA LEU A 22 6.19 -1.61 9.45
C LEU A 22 5.25 -0.49 9.90
N PRO A 23 5.76 0.75 9.90
CA PRO A 23 4.99 1.92 10.32
C PRO A 23 3.89 2.26 9.32
N THR A 24 3.33 3.47 9.45
CA THR A 24 2.27 3.92 8.55
C THR A 24 2.71 3.87 7.10
N TRP A 25 4.02 3.73 6.89
CA TRP A 25 4.58 3.66 5.55
C TRP A 25 4.07 2.43 4.81
N CYS A 26 2.95 2.58 4.10
CA CYS A 26 2.36 1.48 3.36
C CYS A 26 1.57 1.99 2.16
N PRO A 27 2.30 2.44 1.12
CA PRO A 27 1.69 2.97 -0.11
C PRO A 27 1.01 1.88 -0.93
N THR A 28 1.21 0.63 -0.53
CA THR A 28 0.61 -0.50 -1.23
C THR A 28 -0.90 -0.37 -1.30
N SER A 29 -1.47 0.38 -0.35
CA SER A 29 -2.91 0.57 -0.30
C SER A 29 -3.41 1.26 -1.57
N THR A 30 -3.90 0.45 -2.51
CA THR A 30 -4.41 0.99 -3.77
C THR A 30 -5.61 1.90 -3.54
N SER A 31 -6.21 1.79 -2.35
CA SER A 31 -7.37 2.60 -2.02
C SER A 31 -7.10 4.08 -2.27
N HIS A 32 -7.70 4.61 -3.33
CA HIS A 32 -7.53 6.02 -3.69
C HIS A 32 -8.37 6.38 -4.90
N LEU A 33 -7.91 5.95 -6.07
CA LEU A 33 -8.62 6.22 -7.31
C LEU A 33 -9.71 5.18 -7.57
N LYS A 34 -10.85 5.34 -6.91
CA LYS A 34 -11.96 4.42 -7.06
C LYS A 34 -12.32 4.25 -8.54
N GLU A 35 -12.46 2.99 -8.96
CA GLU A 35 -12.80 2.69 -10.34
C GLU A 35 -11.71 3.18 -11.30
N ALA A 36 -11.74 2.68 -12.53
CA ALA A 36 -10.75 3.06 -13.53
C ALA A 36 -11.04 2.37 -14.86
N GLU A 37 -11.52 1.14 -14.80
CA GLU A 37 -11.82 0.37 -15.99
C GLU A 37 -10.56 0.12 -16.82
N GLU A 38 -9.97 -1.06 -16.64
CA GLU A 38 -8.76 -1.43 -17.36
C GLU A 38 -9.04 -2.53 -18.37
N LYS A 39 -8.38 -2.46 -19.52
CA LYS A 39 -8.56 -3.45 -20.58
C LYS A 39 -8.38 -4.86 -20.04
N GLY A 1 3.29 8.14 -1.59
CA GLY A 1 2.50 7.40 -2.56
C GLY A 1 3.33 6.90 -3.73
N ALA A 2 4.57 6.49 -3.44
CA ALA A 2 5.46 5.99 -4.48
C ALA A 2 5.38 4.47 -4.60
N MET A 3 5.93 3.94 -5.68
CA MET A 3 5.92 2.50 -5.91
C MET A 3 4.48 1.99 -6.07
N GLY A 4 4.10 1.70 -7.30
CA GLY A 4 2.76 1.20 -7.57
C GLY A 4 2.68 -0.31 -7.48
N SER A 5 1.46 -0.81 -7.29
CA SER A 5 1.24 -2.26 -7.18
C SER A 5 -0.21 -2.61 -7.50
N VAL A 6 -0.57 -3.86 -7.23
CA VAL A 6 -1.93 -4.33 -7.49
C VAL A 6 -2.53 -4.98 -6.24
N ASP A 7 -3.76 -5.45 -6.37
CA ASP A 7 -4.45 -6.09 -5.25
C ASP A 7 -4.14 -7.58 -5.21
N SER A 8 -3.77 -8.14 -6.36
CA SER A 8 -3.45 -9.56 -6.46
C SER A 8 -1.95 -9.79 -6.33
N ALA A 9 -1.27 -8.85 -5.69
CA ALA A 9 0.17 -8.94 -5.50
C ALA A 9 0.53 -9.04 -4.02
N ASP A 10 1.81 -9.23 -3.73
CA ASP A 10 2.28 -9.34 -2.35
C ASP A 10 2.03 -8.04 -1.60
N ALA A 11 2.35 -6.92 -2.23
CA ALA A 11 2.16 -5.61 -1.62
C ALA A 11 0.68 -5.31 -1.41
N GLY A 12 -0.17 -5.95 -2.21
CA GLY A 12 -1.60 -5.72 -2.10
C GLY A 12 -2.22 -6.54 -0.98
N GLY A 13 -1.81 -6.25 0.26
CA GLY A 13 -2.35 -6.97 1.40
C GLY A 13 -1.29 -7.79 2.11
N GLY A 14 -0.03 -7.43 1.90
CA GLY A 14 1.06 -8.15 2.53
C GLY A 14 0.99 -9.65 2.28
N SER A 15 1.81 -10.40 2.99
CA SER A 15 1.84 -11.85 2.85
C SER A 15 2.42 -12.52 4.09
N GLY A 16 3.36 -11.83 4.74
CA GLY A 16 3.99 -12.37 5.94
C GLY A 16 4.42 -11.28 6.90
N TRP A 17 5.65 -10.80 6.72
CA TRP A 17 6.20 -9.75 7.58
C TRP A 17 5.29 -8.54 7.59
N LEU A 18 4.53 -8.36 6.51
CA LEU A 18 3.62 -7.22 6.39
C LEU A 18 2.46 -7.35 7.37
N THR A 19 2.51 -8.38 8.21
CA THR A 19 1.46 -8.62 9.19
C THR A 19 1.61 -7.69 10.39
N GLY A 20 2.40 -6.63 10.22
CA GLY A 20 2.61 -5.68 11.29
C GLY A 20 4.07 -5.58 11.70
N TRP A 21 4.93 -5.32 10.74
CA TRP A 21 6.36 -5.20 11.01
C TRP A 21 6.92 -3.91 10.43
N LEU A 22 6.10 -2.86 10.43
CA LEU A 22 6.52 -1.57 9.90
C LEU A 22 5.56 -0.46 10.34
N PRO A 23 6.05 0.78 10.34
CA PRO A 23 5.25 1.95 10.74
C PRO A 23 4.16 2.28 9.72
N THR A 24 3.42 3.34 9.97
CA THR A 24 2.36 3.77 9.08
C THR A 24 2.89 4.08 7.70
N TRP A 25 4.21 4.21 7.59
CA TRP A 25 4.85 4.50 6.31
C TRP A 25 4.67 3.34 5.34
N CYS A 26 3.60 3.39 4.55
CA CYS A 26 3.31 2.35 3.58
C CYS A 26 2.54 2.91 2.38
N PRO A 27 3.22 3.75 1.58
CA PRO A 27 2.61 4.37 0.40
C PRO A 27 2.35 3.37 -0.72
N THR A 28 1.34 2.52 -0.51
CA THR A 28 0.97 1.51 -1.49
C THR A 28 -0.14 2.01 -2.41
N SER A 29 -0.11 3.30 -2.72
CA SER A 29 -1.12 3.90 -3.58
C SER A 29 -0.99 3.38 -5.01
N THR A 30 -1.90 3.83 -5.88
CA THR A 30 -1.89 3.41 -7.28
C THR A 30 -1.86 4.62 -8.21
N SER A 31 -2.66 5.64 -7.88
CA SER A 31 -2.73 6.84 -8.69
C SER A 31 -3.69 7.86 -8.07
N HIS A 32 -4.98 7.52 -8.07
CA HIS A 32 -6.00 8.40 -7.51
C HIS A 32 -7.38 7.76 -7.63
N LEU A 33 -7.89 7.69 -8.85
CA LEU A 33 -9.21 7.11 -9.10
C LEU A 33 -9.09 5.65 -9.52
N LYS A 34 -8.68 4.80 -8.59
CA LYS A 34 -8.52 3.37 -8.87
C LYS A 34 -9.79 2.79 -9.47
N GLU A 35 -9.64 1.73 -10.26
CA GLU A 35 -10.79 1.08 -10.88
C GLU A 35 -11.86 0.74 -9.85
N ALA A 36 -13.06 0.41 -10.34
CA ALA A 36 -14.17 0.07 -9.46
C ALA A 36 -15.29 -0.59 -10.24
N GLU A 37 -16.44 -0.76 -9.59
CA GLU A 37 -17.59 -1.39 -10.22
C GLU A 37 -18.06 -0.58 -11.42
N GLU A 38 -19.22 -0.94 -11.96
CA GLU A 38 -19.78 -0.24 -13.11
C GLU A 38 -19.82 1.27 -12.88
N LYS A 39 -18.89 1.98 -13.50
CA LYS A 39 -18.82 3.43 -13.35
C LYS A 39 -18.04 4.06 -14.50
N GLY A 1 9.56 13.59 15.31
CA GLY A 1 9.05 12.44 14.58
C GLY A 1 9.39 12.49 13.10
N ALA A 2 8.68 11.70 12.31
CA ALA A 2 8.92 11.66 10.86
C ALA A 2 7.99 12.62 10.13
N MET A 3 8.28 12.87 8.86
CA MET A 3 7.47 13.78 8.06
C MET A 3 7.73 13.55 6.56
N GLY A 4 6.68 13.70 5.76
CA GLY A 4 6.82 13.51 4.32
C GLY A 4 5.64 14.07 3.55
N SER A 5 5.58 13.75 2.26
CA SER A 5 4.50 14.23 1.41
C SER A 5 4.65 13.69 -0.01
N VAL A 6 5.00 12.41 -0.11
CA VAL A 6 5.17 11.76 -1.41
C VAL A 6 4.75 10.30 -1.36
N ASP A 7 4.17 9.81 -2.45
CA ASP A 7 3.73 8.43 -2.53
C ASP A 7 4.86 7.48 -2.14
N SER A 8 4.52 6.48 -1.31
CA SER A 8 5.51 5.50 -0.86
C SER A 8 5.10 4.09 -1.27
N ALA A 9 4.29 4.01 -2.32
CA ALA A 9 3.84 2.72 -2.82
C ALA A 9 5.02 1.82 -3.19
N ASP A 10 5.18 0.73 -2.45
CA ASP A 10 6.26 -0.21 -2.70
C ASP A 10 5.72 -1.56 -3.16
N ALA A 11 5.08 -2.27 -2.25
CA ALA A 11 4.52 -3.58 -2.56
C ALA A 11 3.00 -3.56 -2.45
N GLY A 12 2.49 -2.70 -1.58
CA GLY A 12 1.05 -2.59 -1.39
C GLY A 12 0.50 -3.71 -0.53
N GLY A 13 0.31 -4.88 -1.14
CA GLY A 13 -0.22 -6.02 -0.42
C GLY A 13 0.81 -6.64 0.50
N GLY A 14 0.57 -7.89 0.89
CA GLY A 14 1.49 -8.58 1.77
C GLY A 14 1.44 -10.09 1.60
N SER A 15 2.19 -10.80 2.43
CA SER A 15 2.23 -12.26 2.36
C SER A 15 2.61 -12.86 3.72
N GLY A 16 3.46 -12.15 4.46
CA GLY A 16 3.89 -12.63 5.75
C GLY A 16 4.21 -11.49 6.71
N TRP A 17 5.42 -10.96 6.60
CA TRP A 17 5.85 -9.86 7.45
C TRP A 17 5.00 -8.63 7.23
N LEU A 18 4.42 -8.52 6.05
CA LEU A 18 3.56 -7.38 5.71
C LEU A 18 2.27 -7.41 6.52
N THR A 19 2.17 -8.36 7.44
CA THR A 19 0.99 -8.49 8.29
C THR A 19 0.99 -7.45 9.40
N GLY A 20 1.84 -6.43 9.25
CA GLY A 20 1.92 -5.38 10.24
C GLY A 20 3.30 -5.27 10.85
N TRP A 21 4.31 -5.14 10.00
CA TRP A 21 5.69 -5.02 10.46
C TRP A 21 6.36 -3.80 9.86
N LEU A 22 5.61 -2.71 9.75
CA LEU A 22 6.14 -1.47 9.18
C LEU A 22 5.56 -0.25 9.89
N PRO A 23 6.23 0.90 9.75
CA PRO A 23 5.78 2.16 10.36
C PRO A 23 4.52 2.71 9.72
N THR A 24 4.20 3.96 10.01
CA THR A 24 3.02 4.60 9.47
C THR A 24 3.03 4.57 7.94
N TRP A 25 4.20 4.29 7.37
CA TRP A 25 4.34 4.22 5.92
C TRP A 25 3.61 3.02 5.35
N CYS A 26 2.34 3.20 5.00
CA CYS A 26 1.53 2.13 4.44
C CYS A 26 0.46 2.68 3.52
N PRO A 27 0.88 3.13 2.33
CA PRO A 27 -0.04 3.70 1.33
C PRO A 27 -0.93 2.64 0.71
N THR A 28 -2.15 3.04 0.35
CA THR A 28 -3.11 2.12 -0.26
C THR A 28 -2.59 1.58 -1.59
N SER A 29 -2.09 2.47 -2.43
CA SER A 29 -1.55 2.08 -3.73
C SER A 29 -2.59 1.29 -4.52
N THR A 30 -3.52 2.02 -5.15
CA THR A 30 -4.56 1.39 -5.95
C THR A 30 -4.23 1.42 -7.43
N SER A 31 -2.93 1.43 -7.73
CA SER A 31 -2.47 1.45 -9.11
C SER A 31 -1.36 0.43 -9.34
N HIS A 32 -1.76 -0.84 -9.44
CA HIS A 32 -0.79 -1.92 -9.66
C HIS A 32 -1.51 -3.27 -9.76
N LEU A 33 -1.96 -3.78 -8.62
CA LEU A 33 -2.66 -5.06 -8.57
C LEU A 33 -4.14 -4.88 -8.91
N LYS A 34 -4.43 -4.64 -10.18
CA LYS A 34 -5.79 -4.46 -10.65
C LYS A 34 -6.67 -5.62 -10.21
N GLU A 35 -7.96 -5.35 -10.06
CA GLU A 35 -8.92 -6.39 -9.65
C GLU A 35 -9.80 -6.81 -10.81
N ALA A 36 -10.78 -7.66 -10.53
CA ALA A 36 -11.70 -8.14 -11.56
C ALA A 36 -13.06 -7.48 -11.42
N GLU A 37 -14.03 -7.99 -12.17
CA GLU A 37 -15.39 -7.44 -12.13
C GLU A 37 -16.42 -8.55 -11.93
N GLU A 38 -17.02 -8.57 -10.75
CA GLU A 38 -18.03 -9.58 -10.43
C GLU A 38 -19.41 -8.96 -10.30
N LYS A 39 -20.43 -9.70 -10.72
CA LYS A 39 -21.81 -9.22 -10.67
C LYS A 39 -22.60 -9.99 -9.63
N GLY A 1 18.31 6.15 8.83
CA GLY A 1 17.77 7.46 9.14
C GLY A 1 17.54 8.31 7.91
N ALA A 2 16.41 8.08 7.25
CA ALA A 2 16.07 8.83 6.03
C ALA A 2 15.21 10.05 6.36
N MET A 3 15.07 10.94 5.39
CA MET A 3 14.27 12.15 5.57
C MET A 3 12.99 12.09 4.74
N GLY A 4 12.29 13.21 4.67
CA GLY A 4 11.06 13.26 3.89
C GLY A 4 11.31 13.39 2.40
N SER A 5 10.42 12.80 1.61
CA SER A 5 10.56 12.85 0.16
C SER A 5 9.25 12.43 -0.52
N VAL A 6 9.30 12.25 -1.83
CA VAL A 6 8.13 11.85 -2.60
C VAL A 6 8.11 10.35 -2.83
N ASP A 7 7.90 9.59 -1.77
CA ASP A 7 7.86 8.13 -1.86
C ASP A 7 6.90 7.56 -0.82
N SER A 8 5.82 6.94 -1.31
CA SER A 8 4.82 6.34 -0.43
C SER A 8 4.62 4.87 -0.76
N ALA A 9 4.22 4.59 -2.00
CA ALA A 9 3.99 3.22 -2.44
C ALA A 9 5.21 2.34 -2.15
N ASP A 10 5.11 1.54 -1.10
CA ASP A 10 6.20 0.65 -0.71
C ASP A 10 5.79 -0.81 -0.88
N ALA A 11 4.61 -1.16 -0.38
CA ALA A 11 4.11 -2.53 -0.49
C ALA A 11 2.67 -2.63 0.01
N GLY A 12 1.75 -2.01 -0.73
CA GLY A 12 0.35 -2.05 -0.34
C GLY A 12 -0.15 -3.45 -0.07
N GLY A 13 0.29 -4.41 -0.89
CA GLY A 13 -0.13 -5.78 -0.72
C GLY A 13 0.53 -6.45 0.47
N GLY A 14 0.09 -7.65 0.80
CA GLY A 14 0.66 -8.37 1.92
C GLY A 14 0.58 -9.87 1.75
N SER A 15 1.41 -10.60 2.48
CA SER A 15 1.44 -12.05 2.40
C SER A 15 1.90 -12.66 3.72
N GLY A 16 2.81 -11.97 4.39
CA GLY A 16 3.31 -12.46 5.67
C GLY A 16 3.73 -11.33 6.59
N TRP A 17 4.98 -10.88 6.45
CA TRP A 17 5.50 -9.79 7.28
C TRP A 17 4.66 -8.54 7.13
N LEU A 18 4.00 -8.41 5.99
CA LEU A 18 3.15 -7.24 5.72
C LEU A 18 1.91 -7.25 6.62
N THR A 19 1.86 -8.21 7.53
CA THR A 19 0.74 -8.34 8.45
C THR A 19 0.84 -7.31 9.57
N GLY A 20 1.68 -6.30 9.37
CA GLY A 20 1.86 -5.27 10.38
C GLY A 20 3.29 -5.20 10.90
N TRP A 21 4.23 -5.07 9.98
CA TRP A 21 5.65 -4.99 10.34
C TRP A 21 6.30 -3.79 9.69
N LEU A 22 5.58 -2.67 9.66
CA LEU A 22 6.09 -1.44 9.06
C LEU A 22 5.59 -0.22 9.83
N PRO A 23 6.28 0.92 9.64
CA PRO A 23 5.91 2.18 10.30
C PRO A 23 4.62 2.76 9.76
N THR A 24 4.36 4.02 10.09
CA THR A 24 3.14 4.70 9.63
C THR A 24 3.05 4.68 8.12
N TRP A 25 4.16 4.38 7.45
CA TRP A 25 4.20 4.33 6.00
C TRP A 25 3.40 3.15 5.47
N CYS A 26 2.12 3.37 5.22
CA CYS A 26 1.24 2.31 4.72
C CYS A 26 0.11 2.89 3.87
N PRO A 27 0.45 3.34 2.66
CA PRO A 27 -0.52 3.93 1.73
C PRO A 27 -1.50 2.91 1.19
N THR A 28 -2.38 3.35 0.29
CA THR A 28 -3.37 2.46 -0.31
C THR A 28 -3.01 2.11 -1.75
N SER A 29 -1.71 1.97 -2.01
CA SER A 29 -1.24 1.63 -3.35
C SER A 29 -1.41 0.14 -3.63
N THR A 30 -2.51 -0.21 -4.29
CA THR A 30 -2.80 -1.59 -4.63
C THR A 30 -1.63 -2.23 -5.36
N SER A 31 -1.38 -1.78 -6.58
CA SER A 31 -0.28 -2.31 -7.38
C SER A 31 -0.21 -1.60 -8.73
N HIS A 32 -1.15 -1.93 -9.63
CA HIS A 32 -1.18 -1.32 -10.95
C HIS A 32 -2.39 -1.83 -11.74
N LEU A 33 -2.30 -3.07 -12.21
CA LEU A 33 -3.37 -3.67 -12.98
C LEU A 33 -4.26 -4.55 -12.10
N LYS A 34 -4.99 -3.92 -11.19
CA LYS A 34 -5.88 -4.64 -10.28
C LYS A 34 -6.82 -5.55 -11.06
N GLU A 35 -7.19 -6.67 -10.45
CA GLU A 35 -8.09 -7.62 -11.08
C GLU A 35 -8.80 -8.50 -10.04
N ALA A 36 -10.11 -8.62 -10.16
CA ALA A 36 -10.89 -9.42 -9.23
C ALA A 36 -12.37 -9.42 -9.61
N GLU A 37 -13.18 -10.13 -8.83
CA GLU A 37 -14.61 -10.22 -9.10
C GLU A 37 -14.88 -10.89 -10.45
N GLU A 38 -15.31 -12.15 -10.40
CA GLU A 38 -15.60 -12.90 -11.62
C GLU A 38 -17.10 -13.12 -11.77
N LYS A 39 -17.70 -12.43 -12.74
CA LYS A 39 -19.13 -12.54 -13.00
C LYS A 39 -19.93 -12.32 -11.72
N GLY A 1 -5.52 10.11 18.36
CA GLY A 1 -5.40 8.96 17.47
C GLY A 1 -5.47 9.35 16.01
N ALA A 2 -6.02 10.54 15.74
CA ALA A 2 -6.16 11.03 14.38
C ALA A 2 -4.80 11.15 13.71
N MET A 3 -4.76 10.95 12.40
CA MET A 3 -3.52 11.04 11.63
C MET A 3 -3.79 11.47 10.19
N GLY A 4 -2.76 11.99 9.53
CA GLY A 4 -2.91 12.42 8.16
C GLY A 4 -2.11 11.58 7.18
N SER A 5 -1.01 12.13 6.70
CA SER A 5 -0.16 11.41 5.75
C SER A 5 -0.91 11.13 4.45
N VAL A 6 -0.57 11.90 3.41
CA VAL A 6 -1.21 11.73 2.11
C VAL A 6 -0.96 10.34 1.55
N ASP A 7 -1.49 10.08 0.35
CA ASP A 7 -1.32 8.79 -0.30
C ASP A 7 -0.15 8.83 -1.28
N SER A 8 0.76 7.86 -1.16
CA SER A 8 1.92 7.78 -2.03
C SER A 8 1.87 6.51 -2.89
N ALA A 9 1.14 5.52 -2.42
CA ALA A 9 1.01 4.26 -3.14
C ALA A 9 2.36 3.54 -3.23
N ASP A 10 2.63 2.66 -2.28
CA ASP A 10 3.87 1.91 -2.26
C ASP A 10 3.61 0.41 -2.37
N ALA A 11 2.86 -0.12 -1.43
CA ALA A 11 2.53 -1.55 -1.42
C ALA A 11 1.53 -1.88 -0.32
N GLY A 12 0.33 -1.29 -0.41
CA GLY A 12 -0.69 -1.54 0.58
C GLY A 12 -0.94 -3.01 0.81
N GLY A 13 -1.18 -3.75 -0.27
CA GLY A 13 -1.42 -5.17 -0.17
C GLY A 13 -0.36 -5.89 0.63
N GLY A 14 -0.60 -7.15 0.95
CA GLY A 14 0.36 -7.93 1.72
C GLY A 14 0.19 -9.43 1.50
N SER A 15 0.96 -10.22 2.25
CA SER A 15 0.91 -11.67 2.13
C SER A 15 1.39 -12.33 3.41
N GLY A 16 2.36 -11.70 4.07
CA GLY A 16 2.90 -12.24 5.30
C GLY A 16 3.38 -11.16 6.25
N TRP A 17 4.61 -10.70 6.06
CA TRP A 17 5.18 -9.66 6.90
C TRP A 17 4.37 -8.38 6.83
N LEU A 18 3.67 -8.20 5.70
CA LEU A 18 2.85 -7.01 5.50
C LEU A 18 1.64 -7.01 6.45
N THR A 19 1.59 -8.01 7.32
CA THR A 19 0.50 -8.13 8.28
C THR A 19 0.66 -7.13 9.42
N GLY A 20 1.52 -6.14 9.23
CA GLY A 20 1.74 -5.14 10.26
C GLY A 20 3.19 -5.10 10.72
N TRP A 21 4.11 -4.97 9.76
CA TRP A 21 5.53 -4.92 10.09
C TRP A 21 6.19 -3.72 9.44
N LEU A 22 5.49 -2.59 9.45
CA LEU A 22 6.01 -1.35 8.87
C LEU A 22 5.57 -0.14 9.67
N PRO A 23 6.27 0.98 9.48
CA PRO A 23 5.96 2.23 10.19
C PRO A 23 4.66 2.86 9.70
N THR A 24 4.44 4.12 10.07
CA THR A 24 3.23 4.83 9.67
C THR A 24 3.07 4.84 8.16
N TRP A 25 4.14 4.52 7.45
CA TRP A 25 4.11 4.49 5.99
C TRP A 25 3.28 3.31 5.49
N CYS A 26 1.98 3.55 5.29
CA CYS A 26 1.09 2.51 4.81
C CYS A 26 -0.07 3.11 4.01
N PRO A 27 0.22 3.50 2.76
CA PRO A 27 -0.77 4.11 1.86
C PRO A 27 -1.82 3.09 1.41
N THR A 28 -2.65 3.51 0.44
CA THR A 28 -3.69 2.64 -0.08
C THR A 28 -3.35 2.14 -1.48
N SER A 29 -2.07 1.88 -1.71
CA SER A 29 -1.61 1.41 -3.01
C SER A 29 -2.38 0.17 -3.44
N THR A 30 -2.14 -0.27 -4.67
CA THR A 30 -2.82 -1.44 -5.21
C THR A 30 -2.04 -2.72 -4.91
N SER A 31 -0.86 -2.85 -5.52
CA SER A 31 -0.02 -4.02 -5.33
C SER A 31 -0.78 -5.29 -5.65
N HIS A 32 -0.67 -5.75 -6.89
CA HIS A 32 -1.34 -6.96 -7.33
C HIS A 32 -0.79 -7.43 -8.67
N LEU A 33 -1.17 -6.74 -9.74
CA LEU A 33 -0.72 -7.09 -11.08
C LEU A 33 0.70 -6.59 -11.32
N LYS A 34 1.64 -7.11 -10.54
CA LYS A 34 3.05 -6.72 -10.67
C LYS A 34 3.53 -6.91 -12.11
N GLU A 35 4.53 -6.13 -12.50
CA GLU A 35 5.09 -6.21 -13.84
C GLU A 35 5.46 -7.64 -14.18
N ALA A 36 4.71 -8.25 -15.09
CA ALA A 36 4.96 -9.63 -15.52
C ALA A 36 6.04 -9.68 -16.59
N GLU A 37 6.21 -10.85 -17.20
CA GLU A 37 7.20 -11.03 -18.25
C GLU A 37 8.61 -10.82 -17.69
N GLU A 38 9.17 -11.86 -17.08
CA GLU A 38 10.51 -11.79 -16.51
C GLU A 38 11.48 -12.65 -17.30
N LYS A 39 12.71 -12.17 -17.44
CA LYS A 39 13.74 -12.89 -18.17
C LYS A 39 13.25 -13.28 -19.56
N GLY A 1 -7.69 8.98 12.77
CA GLY A 1 -7.57 9.51 11.43
C GLY A 1 -6.16 9.37 10.87
N ALA A 2 -5.75 8.13 10.61
CA ALA A 2 -4.42 7.87 10.09
C ALA A 2 -4.44 7.81 8.57
N MET A 3 -3.26 7.87 7.97
CA MET A 3 -3.14 7.83 6.51
C MET A 3 -2.23 6.68 6.07
N GLY A 4 -2.13 6.48 4.76
CA GLY A 4 -1.31 5.40 4.24
C GLY A 4 -0.71 5.74 2.89
N SER A 5 -0.67 7.03 2.57
CA SER A 5 -0.12 7.49 1.29
C SER A 5 -0.94 6.94 0.13
N VAL A 6 -0.80 7.57 -1.04
CA VAL A 6 -1.52 7.15 -2.23
C VAL A 6 -0.76 7.51 -3.50
N ASP A 7 -1.28 7.10 -4.64
CA ASP A 7 -0.65 7.38 -5.93
C ASP A 7 0.74 6.76 -6.00
N SER A 8 0.91 5.64 -5.30
CA SER A 8 2.20 4.94 -5.28
C SER A 8 2.04 3.48 -5.73
N ALA A 9 0.98 3.22 -6.50
CA ALA A 9 0.71 1.88 -6.99
C ALA A 9 1.83 1.40 -7.90
N ASP A 10 2.52 0.34 -7.48
CA ASP A 10 3.62 -0.22 -8.26
C ASP A 10 3.61 -1.74 -8.19
N ALA A 11 3.90 -2.28 -7.01
CA ALA A 11 3.92 -3.72 -6.81
C ALA A 11 3.98 -4.07 -5.33
N GLY A 12 3.17 -3.38 -4.53
CA GLY A 12 3.15 -3.63 -3.10
C GLY A 12 2.57 -4.98 -2.76
N GLY A 13 3.43 -5.90 -2.33
CA GLY A 13 2.98 -7.24 -1.98
C GLY A 13 3.84 -7.88 -0.91
N GLY A 14 3.20 -8.29 0.18
CA GLY A 14 3.93 -8.92 1.27
C GLY A 14 4.02 -10.43 1.12
N SER A 15 4.59 -11.09 2.13
CA SER A 15 4.74 -12.54 2.10
C SER A 15 4.82 -13.09 3.52
N GLY A 16 5.41 -12.32 4.43
CA GLY A 16 5.55 -12.76 5.80
C GLY A 16 5.57 -11.60 6.77
N TRP A 17 6.74 -10.99 6.95
CA TRP A 17 6.88 -9.86 7.86
C TRP A 17 6.02 -8.68 7.42
N LEU A 18 5.73 -8.63 6.12
CA LEU A 18 4.91 -7.55 5.57
C LEU A 18 3.47 -7.66 6.06
N THR A 19 3.22 -8.62 6.95
CA THR A 19 1.89 -8.83 7.49
C THR A 19 1.55 -7.78 8.55
N GLY A 20 2.33 -6.70 8.57
CA GLY A 20 2.11 -5.64 9.54
C GLY A 20 3.30 -5.43 10.45
N TRP A 21 4.46 -5.24 9.86
CA TRP A 21 5.68 -5.03 10.64
C TRP A 21 6.40 -3.77 10.18
N LEU A 22 5.63 -2.72 9.87
CA LEU A 22 6.21 -1.46 9.42
C LEU A 22 5.39 -0.28 9.95
N PRO A 23 6.00 0.91 9.94
CA PRO A 23 5.35 2.14 10.41
C PRO A 23 4.23 2.60 9.47
N THR A 24 3.78 3.83 9.66
CA THR A 24 2.72 4.39 8.84
C THR A 24 3.09 4.35 7.36
N TRP A 25 4.37 4.14 7.09
CA TRP A 25 4.85 4.08 5.71
C TRP A 25 4.35 2.81 5.01
N CYS A 26 3.19 2.91 4.37
CA CYS A 26 2.61 1.77 3.67
C CYS A 26 1.74 2.24 2.51
N PRO A 27 2.40 2.69 1.42
CA PRO A 27 1.71 3.18 0.22
C PRO A 27 1.02 2.06 -0.54
N THR A 28 1.28 0.81 -0.13
CA THR A 28 0.68 -0.35 -0.78
C THR A 28 -0.84 -0.27 -0.74
N SER A 29 -1.37 0.49 0.20
CA SER A 29 -2.81 0.66 0.34
C SER A 29 -3.41 1.29 -0.91
N THR A 30 -3.91 0.43 -1.81
CA THR A 30 -4.51 0.90 -3.05
C THR A 30 -6.00 1.22 -2.86
N SER A 31 -6.57 0.73 -1.76
CA SER A 31 -7.97 0.95 -1.47
C SER A 31 -8.31 2.44 -1.53
N HIS A 32 -8.96 2.85 -2.62
CA HIS A 32 -9.34 4.24 -2.80
C HIS A 32 -10.09 4.44 -4.12
N LEU A 33 -9.43 4.08 -5.22
CA LEU A 33 -10.04 4.21 -6.54
C LEU A 33 -10.32 2.85 -7.15
N LYS A 34 -11.17 2.07 -6.49
CA LYS A 34 -11.53 0.75 -6.97
C LYS A 34 -12.00 0.80 -8.42
N GLU A 35 -11.50 -0.13 -9.24
CA GLU A 35 -11.87 -0.19 -10.64
C GLU A 35 -13.33 -0.59 -10.81
N ALA A 36 -13.77 -0.67 -12.05
CA ALA A 36 -15.16 -1.05 -12.35
C ALA A 36 -15.25 -2.51 -12.76
N GLU A 37 -16.45 -2.92 -13.18
CA GLU A 37 -16.67 -4.30 -13.61
C GLU A 37 -16.44 -4.45 -15.10
N GLU A 38 -16.79 -5.61 -15.64
CA GLU A 38 -16.63 -5.89 -17.06
C GLU A 38 -17.25 -4.78 -17.91
N LYS A 39 -16.50 -4.31 -18.90
CA LYS A 39 -16.98 -3.25 -19.78
C LYS A 39 -17.37 -2.01 -18.98
N GLY A 1 -3.19 11.73 21.95
CA GLY A 1 -2.22 11.37 20.94
C GLY A 1 -2.57 11.93 19.58
N ALA A 2 -1.54 12.16 18.76
CA ALA A 2 -1.76 12.70 17.42
C ALA A 2 -1.86 11.57 16.39
N MET A 3 -2.32 11.92 15.18
CA MET A 3 -2.46 10.95 14.11
C MET A 3 -2.96 11.61 12.84
N GLY A 4 -2.40 11.20 11.70
CA GLY A 4 -2.81 11.77 10.43
C GLY A 4 -1.67 11.83 9.43
N SER A 5 -1.86 11.21 8.27
CA SER A 5 -0.84 11.19 7.23
C SER A 5 -1.34 10.43 6.01
N VAL A 6 -0.72 10.72 4.86
CA VAL A 6 -1.09 10.07 3.60
C VAL A 6 0.14 9.73 2.78
N ASP A 7 0.05 8.64 2.01
CA ASP A 7 1.16 8.21 1.17
C ASP A 7 0.66 7.81 -0.22
N SER A 8 1.57 7.30 -1.04
CA SER A 8 1.23 6.90 -2.40
C SER A 8 1.38 5.38 -2.56
N ALA A 9 2.62 4.91 -2.50
CA ALA A 9 2.89 3.48 -2.64
C ALA A 9 4.26 3.13 -2.04
N ASP A 10 4.32 1.99 -1.36
CA ASP A 10 5.56 1.53 -0.75
C ASP A 10 5.71 0.03 -0.89
N ALA A 11 4.65 -0.71 -0.62
CA ALA A 11 4.67 -2.16 -0.73
C ALA A 11 3.46 -2.68 -1.50
N GLY A 12 2.30 -2.07 -1.25
CA GLY A 12 1.09 -2.49 -1.94
C GLY A 12 0.84 -3.98 -1.85
N GLY A 13 0.27 -4.41 -0.72
CA GLY A 13 -0.01 -5.82 -0.53
C GLY A 13 0.98 -6.48 0.41
N GLY A 14 0.66 -7.69 0.86
CA GLY A 14 1.55 -8.41 1.75
C GLY A 14 1.46 -9.91 1.56
N SER A 15 2.20 -10.65 2.39
CA SER A 15 2.22 -12.11 2.30
C SER A 15 2.60 -12.72 3.65
N GLY A 16 3.45 -12.04 4.39
CA GLY A 16 3.87 -12.52 5.69
C GLY A 16 4.20 -11.41 6.66
N TRP A 17 5.42 -10.89 6.57
CA TRP A 17 5.86 -9.82 7.45
C TRP A 17 5.01 -8.56 7.25
N LEU A 18 4.44 -8.44 6.06
CA LEU A 18 3.59 -7.29 5.73
C LEU A 18 2.30 -7.32 6.54
N THR A 19 2.19 -8.29 7.43
CA THR A 19 1.00 -8.42 8.27
C THR A 19 1.00 -7.40 9.39
N GLY A 20 1.85 -6.38 9.26
CA GLY A 20 1.92 -5.34 10.27
C GLY A 20 3.30 -5.24 10.89
N TRP A 21 4.31 -5.10 10.04
CA TRP A 21 5.69 -4.99 10.52
C TRP A 21 6.37 -3.76 9.90
N LEU A 22 5.63 -2.67 9.81
CA LEU A 22 6.18 -1.43 9.25
C LEU A 22 5.60 -0.22 9.96
N PRO A 23 6.28 0.93 9.82
CA PRO A 23 5.84 2.19 10.45
C PRO A 23 4.58 2.74 9.81
N THR A 24 4.29 4.01 10.10
CA THR A 24 3.10 4.66 9.57
C THR A 24 3.09 4.60 8.03
N TRP A 25 4.24 4.31 7.45
CA TRP A 25 4.37 4.22 6.00
C TRP A 25 3.65 2.98 5.48
N CYS A 26 2.38 3.14 5.13
CA CYS A 26 1.58 2.03 4.61
C CYS A 26 0.50 2.55 3.67
N PRO A 27 0.90 2.92 2.44
CA PRO A 27 -0.03 3.42 1.42
C PRO A 27 -0.97 2.34 0.90
N THR A 28 -1.72 2.68 -0.14
CA THR A 28 -2.66 1.74 -0.74
C THR A 28 -2.24 1.36 -2.16
N SER A 29 -0.97 1.63 -2.49
CA SER A 29 -0.44 1.32 -3.81
C SER A 29 -1.24 2.04 -4.89
N THR A 30 -0.79 1.89 -6.14
CA THR A 30 -1.46 2.54 -7.26
C THR A 30 -1.83 1.51 -8.34
N SER A 31 -1.96 0.26 -7.93
CA SER A 31 -2.31 -0.81 -8.86
C SER A 31 -1.24 -0.94 -9.96
N HIS A 32 -1.36 -1.99 -10.76
CA HIS A 32 -0.41 -2.23 -11.85
C HIS A 32 -0.83 -3.46 -12.66
N LEU A 33 -0.60 -4.64 -12.09
CA LEU A 33 -0.94 -5.89 -12.75
C LEU A 33 -2.45 -6.15 -12.69
N LYS A 34 -3.21 -5.33 -13.40
CA LYS A 34 -4.66 -5.47 -13.43
C LYS A 34 -5.07 -6.88 -13.83
N GLU A 35 -6.24 -7.30 -13.39
CA GLU A 35 -6.75 -8.64 -13.69
C GLU A 35 -8.05 -8.56 -14.49
N ALA A 36 -8.59 -9.72 -14.84
CA ALA A 36 -9.84 -9.79 -15.60
C ALA A 36 -10.93 -8.96 -14.93
N GLU A 37 -11.19 -7.79 -15.49
CA GLU A 37 -12.22 -6.90 -14.95
C GLU A 37 -12.36 -5.64 -15.80
N GLU A 38 -13.12 -4.67 -15.31
CA GLU A 38 -13.33 -3.42 -16.02
C GLU A 38 -12.00 -2.79 -16.42
N LYS A 39 -11.97 -2.15 -17.58
CA LYS A 39 -10.77 -1.51 -18.08
C LYS A 39 -9.66 -2.53 -18.32
N GLY A 1 -1.61 9.87 21.62
CA GLY A 1 -0.82 10.66 20.70
C GLY A 1 -1.44 10.71 19.31
N ALA A 2 -1.71 11.92 18.84
CA ALA A 2 -2.30 12.12 17.52
C ALA A 2 -1.23 12.35 16.47
N MET A 3 -1.26 11.55 15.41
CA MET A 3 -0.29 11.68 14.32
C MET A 3 -0.88 11.21 13.00
N GLY A 4 -0.30 11.66 11.90
CA GLY A 4 -0.79 11.28 10.59
C GLY A 4 0.00 11.92 9.47
N SER A 5 -0.30 11.53 8.23
CA SER A 5 0.39 12.08 7.06
C SER A 5 -0.21 11.52 5.77
N VAL A 6 0.34 11.95 4.65
CA VAL A 6 -0.13 11.49 3.34
C VAL A 6 0.99 10.79 2.57
N ASP A 7 0.62 9.74 1.85
CA ASP A 7 1.58 8.98 1.06
C ASP A 7 1.06 8.73 -0.35
N SER A 8 1.84 8.00 -1.15
CA SER A 8 1.44 7.69 -2.51
C SER A 8 1.45 6.18 -2.76
N ALA A 9 2.64 5.58 -2.73
CA ALA A 9 2.79 4.16 -2.94
C ALA A 9 4.12 3.65 -2.39
N ASP A 10 4.09 2.47 -1.78
CA ASP A 10 5.28 1.88 -1.20
C ASP A 10 5.32 0.37 -1.46
N ALA A 11 4.41 -0.35 -0.81
CA ALA A 11 4.34 -1.80 -0.97
C ALA A 11 3.00 -2.22 -1.57
N GLY A 12 1.98 -1.40 -1.35
CA GLY A 12 0.67 -1.71 -1.88
C GLY A 12 0.00 -2.87 -1.17
N GLY A 13 0.41 -4.09 -1.51
CA GLY A 13 -0.17 -5.26 -0.88
C GLY A 13 0.81 -5.96 0.04
N GLY A 14 0.57 -7.24 0.30
CA GLY A 14 1.45 -8.01 1.17
C GLY A 14 1.33 -9.50 0.94
N SER A 15 2.04 -10.28 1.75
CA SER A 15 2.02 -11.73 1.63
C SER A 15 2.37 -12.40 2.96
N GLY A 16 3.25 -11.74 3.74
CA GLY A 16 3.65 -12.28 5.02
C GLY A 16 3.98 -11.20 6.02
N TRP A 17 5.21 -10.70 5.97
CA TRP A 17 5.65 -9.66 6.88
C TRP A 17 4.82 -8.39 6.71
N LEU A 18 4.26 -8.22 5.52
CA LEU A 18 3.44 -7.06 5.22
C LEU A 18 2.13 -7.09 6.01
N THR A 19 2.00 -8.09 6.87
CA THR A 19 0.80 -8.24 7.69
C THR A 19 0.79 -7.25 8.85
N GLY A 20 1.65 -6.23 8.76
CA GLY A 20 1.73 -5.23 9.80
C GLY A 20 3.11 -5.15 10.43
N TRP A 21 4.13 -5.00 9.60
CA TRP A 21 5.50 -4.92 10.09
C TRP A 21 6.20 -3.69 9.52
N LEU A 22 5.47 -2.58 9.44
CA LEU A 22 6.04 -1.34 8.91
C LEU A 22 5.46 -0.13 9.66
N PRO A 23 6.16 1.01 9.56
CA PRO A 23 5.75 2.26 10.20
C PRO A 23 4.49 2.85 9.57
N THR A 24 4.19 4.10 9.91
CA THR A 24 3.02 4.78 9.37
C THR A 24 3.03 4.77 7.85
N TRP A 25 4.19 4.50 7.27
CA TRP A 25 4.33 4.45 5.82
C TRP A 25 3.59 3.26 5.23
N CYS A 26 2.32 3.46 4.88
CA CYS A 26 1.51 2.39 4.31
C CYS A 26 0.44 2.97 3.38
N PRO A 27 0.86 3.40 2.19
CA PRO A 27 -0.04 3.98 1.19
C PRO A 27 -0.98 2.93 0.59
N THR A 28 -1.77 3.36 -0.39
CA THR A 28 -2.72 2.46 -1.05
C THR A 28 -2.17 1.97 -2.39
N SER A 29 -1.46 2.85 -3.09
CA SER A 29 -0.89 2.50 -4.38
C SER A 29 -1.98 2.19 -5.39
N THR A 30 -1.57 1.77 -6.59
CA THR A 30 -2.52 1.44 -7.65
C THR A 30 -2.63 -0.07 -7.82
N SER A 31 -2.40 -0.80 -6.75
CA SER A 31 -2.48 -2.26 -6.78
C SER A 31 -3.84 -2.75 -6.33
N HIS A 32 -4.25 -3.91 -6.82
CA HIS A 32 -5.54 -4.48 -6.47
C HIS A 32 -5.75 -5.83 -7.16
N LEU A 33 -5.55 -5.85 -8.48
CA LEU A 33 -5.71 -7.07 -9.26
C LEU A 33 -4.35 -7.64 -9.66
N LYS A 34 -3.54 -8.00 -8.67
CA LYS A 34 -2.23 -8.56 -8.92
C LYS A 34 -2.31 -9.75 -9.89
N GLU A 35 -1.23 -9.99 -10.62
CA GLU A 35 -1.19 -11.09 -11.57
C GLU A 35 -1.61 -12.40 -10.91
N ALA A 36 -1.82 -13.43 -11.73
CA ALA A 36 -2.23 -14.74 -11.23
C ALA A 36 -1.17 -15.32 -10.30
N GLU A 37 -1.41 -16.54 -9.84
CA GLU A 37 -0.47 -17.22 -8.95
C GLU A 37 -0.25 -16.40 -7.67
N GLU A 38 -1.32 -15.79 -7.18
CA GLU A 38 -1.25 -14.97 -5.97
C GLU A 38 -1.99 -15.65 -4.82
N LYS A 39 -1.24 -16.40 -4.01
CA LYS A 39 -1.82 -17.09 -2.87
C LYS A 39 -2.99 -17.98 -3.30
N GLY A 1 -0.94 17.23 19.70
CA GLY A 1 -0.55 17.82 18.44
C GLY A 1 -0.96 16.98 17.26
N ALA A 2 -1.35 17.63 16.17
CA ALA A 2 -1.77 16.93 14.96
C ALA A 2 -0.60 16.77 13.99
N MET A 3 -0.78 15.92 12.99
CA MET A 3 0.26 15.67 11.99
C MET A 3 -0.33 15.03 10.74
N GLY A 4 0.48 14.94 9.68
CA GLY A 4 0.03 14.36 8.44
C GLY A 4 1.17 13.82 7.60
N SER A 5 0.84 13.35 6.40
CA SER A 5 1.85 12.81 5.49
C SER A 5 1.27 12.59 4.10
N VAL A 6 2.08 12.06 3.20
CA VAL A 6 1.66 11.80 1.84
C VAL A 6 2.04 10.39 1.40
N ASP A 7 1.19 9.78 0.58
CA ASP A 7 1.44 8.43 0.09
C ASP A 7 2.69 8.39 -0.78
N SER A 8 3.42 7.28 -0.70
CA SER A 8 4.65 7.12 -1.48
C SER A 8 4.51 5.98 -2.49
N ALA A 9 3.59 5.07 -2.21
CA ALA A 9 3.36 3.93 -3.09
C ALA A 9 4.61 3.07 -3.23
N ASP A 10 4.65 1.97 -2.49
CA ASP A 10 5.79 1.07 -2.54
C ASP A 10 5.34 -0.38 -2.69
N ALA A 11 4.42 -0.80 -1.82
CA ALA A 11 3.90 -2.17 -1.86
C ALA A 11 2.79 -2.36 -0.84
N GLY A 12 1.68 -1.65 -1.04
CA GLY A 12 0.55 -1.75 -0.12
C GLY A 12 0.13 -3.19 0.11
N GLY A 13 0.24 -4.01 -0.93
CA GLY A 13 -0.13 -5.41 -0.81
C GLY A 13 0.57 -6.11 0.33
N GLY A 14 0.16 -7.34 0.62
CA GLY A 14 0.77 -8.09 1.71
C GLY A 14 0.66 -9.59 1.49
N SER A 15 1.48 -10.34 2.21
CA SER A 15 1.49 -11.79 2.11
C SER A 15 1.92 -12.45 3.42
N GLY A 16 2.84 -11.78 4.12
CA GLY A 16 3.31 -12.32 5.39
C GLY A 16 3.72 -11.22 6.35
N TRP A 17 4.95 -10.73 6.20
CA TRP A 17 5.46 -9.67 7.08
C TRP A 17 4.64 -8.40 6.93
N LEU A 18 4.00 -8.24 5.78
CA LEU A 18 3.17 -7.06 5.51
C LEU A 18 1.92 -7.08 6.37
N THR A 19 1.83 -8.05 7.27
CA THR A 19 0.68 -8.18 8.16
C THR A 19 0.77 -7.17 9.30
N GLY A 20 1.63 -6.18 9.14
CA GLY A 20 1.79 -5.16 10.16
C GLY A 20 3.20 -5.11 10.72
N TRP A 21 4.18 -4.98 9.82
CA TRP A 21 5.57 -4.91 10.22
C TRP A 21 6.26 -3.70 9.61
N LEU A 22 5.54 -2.58 9.57
CA LEU A 22 6.09 -1.34 9.01
C LEU A 22 5.58 -0.13 9.79
N PRO A 23 6.28 1.00 9.64
CA PRO A 23 5.92 2.25 10.31
C PRO A 23 4.64 2.86 9.76
N THR A 24 4.39 4.12 10.11
CA THR A 24 3.19 4.82 9.66
C THR A 24 3.10 4.80 8.13
N TRP A 25 4.21 4.49 7.48
CA TRP A 25 4.26 4.44 6.02
C TRP A 25 3.48 3.23 5.49
N CYS A 26 2.20 3.43 5.24
CA CYS A 26 1.34 2.36 4.73
C CYS A 26 0.21 2.92 3.87
N PRO A 27 0.54 3.28 2.62
CA PRO A 27 -0.44 3.84 1.68
C PRO A 27 -1.45 2.80 1.22
N THR A 28 -2.39 3.23 0.38
CA THR A 28 -3.42 2.34 -0.14
C THR A 28 -3.19 2.04 -1.61
N SER A 29 -1.93 1.92 -2.01
CA SER A 29 -1.58 1.64 -3.39
C SER A 29 -0.72 0.37 -3.49
N THR A 30 -1.23 -0.63 -4.18
CA THR A 30 -0.52 -1.90 -4.34
C THR A 30 0.14 -1.97 -5.72
N SER A 31 -0.68 -2.06 -6.76
CA SER A 31 -0.18 -2.15 -8.12
C SER A 31 0.85 -3.27 -8.26
N HIS A 32 0.35 -4.47 -8.57
CA HIS A 32 1.22 -5.63 -8.74
C HIS A 32 0.41 -6.86 -9.15
N LEU A 33 -0.32 -7.42 -8.20
CA LEU A 33 -1.14 -8.60 -8.47
C LEU A 33 -2.41 -8.22 -9.22
N LYS A 34 -2.26 -7.83 -10.48
CA LYS A 34 -3.39 -7.45 -11.31
C LYS A 34 -4.46 -8.54 -11.31
N GLU A 35 -5.70 -8.13 -11.52
CA GLU A 35 -6.82 -9.07 -11.55
C GLU A 35 -6.90 -9.79 -12.90
N ALA A 36 -7.93 -10.62 -13.06
CA ALA A 36 -8.11 -11.35 -14.30
C ALA A 36 -8.45 -10.41 -15.46
N GLU A 37 -7.82 -10.65 -16.61
CA GLU A 37 -8.05 -9.82 -17.78
C GLU A 37 -7.88 -10.63 -19.06
N GLU A 38 -7.87 -9.93 -20.19
CA GLU A 38 -7.71 -10.59 -21.50
C GLU A 38 -6.49 -11.51 -21.49
N LYS A 39 -6.59 -12.63 -22.20
CA LYS A 39 -5.50 -13.58 -22.29
C LYS A 39 -4.20 -12.89 -22.72
N GLY A 1 8.25 15.65 14.56
CA GLY A 1 8.33 15.94 13.15
C GLY A 1 7.59 14.93 12.29
N ALA A 2 6.42 15.32 11.79
CA ALA A 2 5.61 14.44 10.96
C ALA A 2 5.90 14.67 9.47
N MET A 3 5.54 13.69 8.66
CA MET A 3 5.76 13.78 7.21
C MET A 3 4.63 13.11 6.45
N GLY A 4 4.79 13.02 5.13
CA GLY A 4 3.77 12.40 4.30
C GLY A 4 4.13 12.40 2.83
N SER A 5 3.48 11.55 2.06
CA SER A 5 3.74 11.46 0.62
C SER A 5 2.84 10.41 -0.03
N VAL A 6 2.80 10.42 -1.36
CA VAL A 6 1.98 9.48 -2.11
C VAL A 6 2.67 9.07 -3.41
N ASP A 7 3.78 8.37 -3.29
CA ASP A 7 4.53 7.91 -4.45
C ASP A 7 5.76 7.12 -4.04
N SER A 8 5.52 5.94 -3.48
CA SER A 8 6.62 5.07 -3.03
C SER A 8 6.51 3.69 -3.67
N ALA A 9 5.49 2.95 -3.28
CA ALA A 9 5.27 1.61 -3.81
C ALA A 9 3.91 1.49 -4.50
N ASP A 10 3.90 0.89 -5.69
CA ASP A 10 2.67 0.73 -6.45
C ASP A 10 1.68 -0.15 -5.69
N ALA A 11 2.16 -1.30 -5.22
CA ALA A 11 1.32 -2.23 -4.47
C ALA A 11 2.15 -3.34 -3.84
N GLY A 12 3.26 -2.95 -3.21
CA GLY A 12 4.12 -3.92 -2.57
C GLY A 12 3.38 -4.82 -1.60
N GLY A 13 3.17 -6.06 -1.98
CA GLY A 13 2.46 -7.00 -1.12
C GLY A 13 3.34 -7.53 0.00
N GLY A 14 2.97 -8.69 0.54
CA GLY A 14 3.73 -9.28 1.62
C GLY A 14 3.80 -10.79 1.53
N SER A 15 4.39 -11.42 2.53
CA SER A 15 4.53 -12.87 2.54
C SER A 15 4.67 -13.39 3.97
N GLY A 16 5.31 -12.59 4.83
CA GLY A 16 5.50 -12.99 6.21
C GLY A 16 5.54 -11.79 7.15
N TRP A 17 6.72 -11.19 7.28
CA TRP A 17 6.89 -10.03 8.15
C TRP A 17 6.01 -8.87 7.71
N LEU A 18 5.67 -8.86 6.42
CA LEU A 18 4.84 -7.80 5.86
C LEU A 18 3.41 -7.90 6.39
N THR A 19 3.19 -8.83 7.32
CA THR A 19 1.88 -9.03 7.92
C THR A 19 1.58 -7.95 8.96
N GLY A 20 2.35 -6.87 8.93
CA GLY A 20 2.15 -5.78 9.87
C GLY A 20 3.37 -5.54 10.74
N TRP A 21 4.53 -5.37 10.11
CA TRP A 21 5.77 -5.12 10.83
C TRP A 21 6.47 -3.87 10.31
N LEU A 22 5.69 -2.85 10.00
CA LEU A 22 6.22 -1.59 9.50
C LEU A 22 5.43 -0.40 10.02
N PRO A 23 6.03 0.79 9.96
CA PRO A 23 5.40 2.03 10.41
C PRO A 23 4.25 2.46 9.50
N THR A 24 3.79 3.69 9.68
CA THR A 24 2.70 4.23 8.86
C THR A 24 3.02 4.15 7.38
N TRP A 25 4.29 3.93 7.06
CA TRP A 25 4.73 3.84 5.68
C TRP A 25 4.22 2.55 5.03
N CYS A 26 3.04 2.63 4.43
CA CYS A 26 2.43 1.47 3.77
C CYS A 26 1.53 1.91 2.62
N PRO A 27 2.15 2.34 1.52
CA PRO A 27 1.42 2.80 0.33
C PRO A 27 0.72 1.65 -0.39
N THR A 28 -0.37 1.16 0.21
CA THR A 28 -1.13 0.06 -0.38
C THR A 28 -2.30 0.59 -1.21
N SER A 29 -2.09 1.71 -1.88
CA SER A 29 -3.13 2.32 -2.71
C SER A 29 -3.30 1.55 -4.01
N THR A 30 -3.87 0.35 -3.91
CA THR A 30 -4.09 -0.48 -5.08
C THR A 30 -5.52 -0.35 -5.60
N SER A 31 -6.13 0.82 -5.35
CA SER A 31 -7.49 1.07 -5.78
C SER A 31 -7.67 0.76 -7.26
N HIS A 32 -8.89 0.47 -7.66
CA HIS A 32 -9.19 0.15 -9.06
C HIS A 32 -10.70 0.03 -9.28
N LEU A 33 -11.28 -1.03 -8.73
CA LEU A 33 -12.72 -1.27 -8.87
C LEU A 33 -13.51 -0.37 -7.92
N LYS A 34 -13.38 0.94 -8.13
CA LYS A 34 -14.10 1.92 -7.30
C LYS A 34 -15.58 1.61 -7.26
N GLU A 35 -16.24 2.03 -6.18
CA GLU A 35 -17.68 1.80 -6.03
C GLU A 35 -18.45 2.31 -7.24
N ALA A 36 -19.74 2.01 -7.29
CA ALA A 36 -20.59 2.43 -8.39
C ALA A 36 -20.46 3.93 -8.63
N GLU A 37 -19.77 4.29 -9.72
CA GLU A 37 -19.58 5.69 -10.06
C GLU A 37 -19.21 5.84 -11.54
N GLU A 38 -19.63 4.87 -12.35
CA GLU A 38 -19.34 4.89 -13.77
C GLU A 38 -20.34 5.78 -14.51
N LYS A 39 -19.83 6.56 -15.47
CA LYS A 39 -20.67 7.46 -16.25
C LYS A 39 -21.87 6.73 -16.83
N GLY A 1 10.99 13.84 16.12
CA GLY A 1 11.24 13.30 14.79
C GLY A 1 10.15 13.69 13.81
N ALA A 2 10.48 14.59 12.88
CA ALA A 2 9.53 15.03 11.88
C ALA A 2 9.57 14.14 10.64
N MET A 3 8.39 13.80 10.11
CA MET A 3 8.30 12.96 8.93
C MET A 3 7.29 13.52 7.94
N GLY A 4 7.24 12.92 6.75
CA GLY A 4 6.32 13.38 5.73
C GLY A 4 6.55 12.72 4.39
N SER A 5 6.64 13.52 3.34
CA SER A 5 6.86 13.01 1.99
C SER A 5 5.71 12.12 1.56
N VAL A 6 4.87 12.65 0.66
CA VAL A 6 3.72 11.90 0.16
C VAL A 6 4.14 10.53 -0.36
N ASP A 7 3.21 9.59 -0.37
CA ASP A 7 3.48 8.24 -0.86
C ASP A 7 2.55 7.87 -2.00
N SER A 8 2.96 6.89 -2.82
CA SER A 8 2.16 6.45 -3.95
C SER A 8 1.92 4.94 -3.88
N ALA A 9 2.98 4.17 -4.01
CA ALA A 9 2.89 2.72 -3.96
C ALA A 9 4.27 2.07 -3.92
N ASP A 10 4.70 1.66 -2.74
CA ASP A 10 6.00 1.03 -2.57
C ASP A 10 5.93 -0.46 -2.92
N ALA A 11 5.13 -1.20 -2.15
CA ALA A 11 4.98 -2.64 -2.38
C ALA A 11 3.67 -3.15 -1.79
N GLY A 12 2.56 -2.70 -2.37
CA GLY A 12 1.26 -3.12 -1.91
C GLY A 12 1.11 -4.62 -1.86
N GLY A 13 1.12 -5.19 -0.65
CA GLY A 13 0.99 -6.63 -0.50
C GLY A 13 1.95 -7.19 0.54
N GLY A 14 1.75 -8.45 0.90
CA GLY A 14 2.60 -9.09 1.89
C GLY A 14 2.62 -10.59 1.76
N SER A 15 3.31 -11.26 2.68
CA SER A 15 3.42 -12.71 2.66
C SER A 15 3.69 -13.25 4.07
N GLY A 16 4.43 -12.49 4.85
CA GLY A 16 4.75 -12.91 6.21
C GLY A 16 4.95 -11.73 7.15
N TRP A 17 6.14 -11.16 7.14
CA TRP A 17 6.45 -10.02 7.99
C TRP A 17 5.57 -8.82 7.66
N LEU A 18 5.10 -8.78 6.41
CA LEU A 18 4.24 -7.68 5.97
C LEU A 18 2.88 -7.74 6.65
N THR A 19 2.73 -8.68 7.58
CA THR A 19 1.48 -8.83 8.32
C THR A 19 1.34 -7.76 9.39
N GLY A 20 2.14 -6.70 9.29
CA GLY A 20 2.09 -5.63 10.26
C GLY A 20 3.40 -5.44 10.99
N TRP A 21 4.48 -5.30 10.23
CA TRP A 21 5.80 -5.10 10.82
C TRP A 21 6.49 -3.87 10.23
N LEU A 22 5.71 -2.81 10.02
CA LEU A 22 6.25 -1.57 9.47
C LEU A 22 5.55 -0.36 10.08
N PRO A 23 6.18 0.81 9.96
CA PRO A 23 5.64 2.07 10.49
C PRO A 23 4.42 2.54 9.71
N THR A 24 4.03 3.79 9.94
CA THR A 24 2.88 4.37 9.26
C THR A 24 3.03 4.30 7.75
N TRP A 25 4.26 4.04 7.30
CA TRP A 25 4.53 3.94 5.86
C TRP A 25 3.91 2.68 5.28
N CYS A 26 2.68 2.80 4.80
CA CYS A 26 1.97 1.67 4.21
C CYS A 26 0.96 2.15 3.17
N PRO A 27 1.47 2.56 2.00
CA PRO A 27 0.64 3.04 0.90
C PRO A 27 -0.19 1.93 0.26
N THR A 28 -1.21 1.47 0.97
CA THR A 28 -2.07 0.42 0.47
C THR A 28 -2.70 0.79 -0.87
N SER A 29 -2.78 2.09 -1.14
CA SER A 29 -3.35 2.58 -2.39
C SER A 29 -2.63 1.99 -3.59
N THR A 30 -3.23 0.97 -4.19
CA THR A 30 -2.64 0.32 -5.35
C THR A 30 -3.62 0.28 -6.52
N SER A 31 -4.90 0.10 -6.21
CA SER A 31 -5.94 0.04 -7.24
C SER A 31 -5.71 -1.14 -8.17
N HIS A 32 -6.76 -1.50 -8.92
CA HIS A 32 -6.67 -2.62 -9.85
C HIS A 32 -7.95 -2.72 -10.69
N LEU A 33 -9.04 -3.10 -10.04
CA LEU A 33 -10.32 -3.24 -10.73
C LEU A 33 -10.96 -1.87 -10.96
N LYS A 34 -10.28 -1.02 -11.73
CA LYS A 34 -10.78 0.31 -12.02
C LYS A 34 -12.21 0.25 -12.59
N GLU A 35 -12.96 1.32 -12.40
CA GLU A 35 -14.33 1.38 -12.89
C GLU A 35 -14.39 1.06 -14.38
N ALA A 36 -15.55 0.60 -14.83
CA ALA A 36 -15.74 0.24 -16.24
C ALA A 36 -15.31 1.40 -17.14
N GLU A 37 -15.06 1.07 -18.40
CA GLU A 37 -14.64 2.08 -19.38
C GLU A 37 -14.61 1.50 -20.79
N GLU A 38 -14.16 2.31 -21.75
CA GLU A 38 -14.08 1.87 -23.13
C GLU A 38 -13.31 0.55 -23.25
N LYS A 39 -14.02 -0.52 -23.61
CA LYS A 39 -13.40 -1.82 -23.77
C LYS A 39 -13.71 -2.41 -25.13
N GLY A 1 2.33 17.05 11.58
CA GLY A 1 2.21 16.69 10.19
C GLY A 1 3.47 16.05 9.63
N ALA A 2 4.13 15.25 10.46
CA ALA A 2 5.36 14.59 10.05
C ALA A 2 5.06 13.20 9.50
N MET A 3 6.06 12.60 8.85
CA MET A 3 5.90 11.27 8.27
C MET A 3 4.84 11.26 7.17
N GLY A 4 5.28 11.21 5.93
CA GLY A 4 4.35 11.21 4.81
C GLY A 4 5.02 11.57 3.50
N SER A 5 4.65 10.86 2.43
CA SER A 5 5.23 11.11 1.11
C SER A 5 4.47 10.34 0.04
N VAL A 6 5.02 10.33 -1.17
CA VAL A 6 4.39 9.63 -2.29
C VAL A 6 4.54 8.12 -2.14
N ASP A 7 3.58 7.38 -2.68
CA ASP A 7 3.59 5.93 -2.61
C ASP A 7 4.92 5.37 -3.10
N SER A 8 5.16 4.09 -2.86
CA SER A 8 6.40 3.44 -3.26
C SER A 8 6.12 2.21 -4.12
N ALA A 9 5.18 1.39 -3.66
CA ALA A 9 4.81 0.17 -4.38
C ALA A 9 5.97 -0.81 -4.45
N ASP A 10 5.84 -1.92 -3.75
CA ASP A 10 6.88 -2.94 -3.72
C ASP A 10 6.61 -4.02 -4.75
N ALA A 11 5.80 -3.69 -5.76
CA ALA A 11 5.45 -4.63 -6.81
C ALA A 11 4.73 -5.85 -6.25
N GLY A 12 3.92 -5.62 -5.23
CA GLY A 12 3.18 -6.71 -4.61
C GLY A 12 2.57 -6.33 -3.28
N GLY A 13 2.69 -7.21 -2.29
CA GLY A 13 2.14 -6.94 -0.98
C GLY A 13 3.02 -7.46 0.14
N GLY A 14 2.77 -8.70 0.55
CA GLY A 14 3.56 -9.29 1.62
C GLY A 14 3.62 -10.80 1.52
N SER A 15 4.21 -11.43 2.52
CA SER A 15 4.35 -12.89 2.54
C SER A 15 4.51 -13.40 3.97
N GLY A 16 5.16 -12.60 4.81
CA GLY A 16 5.37 -12.99 6.20
C GLY A 16 5.43 -11.80 7.13
N TRP A 17 6.62 -11.21 7.25
CA TRP A 17 6.81 -10.05 8.11
C TRP A 17 5.93 -8.89 7.68
N LEU A 18 5.57 -8.87 6.40
CA LEU A 18 4.73 -7.82 5.86
C LEU A 18 3.31 -7.90 6.42
N THR A 19 3.11 -8.84 7.35
CA THR A 19 1.80 -9.03 7.96
C THR A 19 1.53 -7.95 9.01
N GLY A 20 2.30 -6.87 8.96
CA GLY A 20 2.12 -5.79 9.91
C GLY A 20 3.36 -5.55 10.76
N TRP A 21 4.50 -5.38 10.10
CA TRP A 21 5.76 -5.14 10.81
C TRP A 21 6.45 -3.89 10.26
N LEU A 22 5.67 -2.86 9.98
CA LEU A 22 6.21 -1.61 9.46
C LEU A 22 5.43 -0.41 9.99
N PRO A 23 6.03 0.77 9.91
CA PRO A 23 5.41 2.02 10.38
C PRO A 23 4.25 2.45 9.49
N THR A 24 3.80 3.69 9.67
CA THR A 24 2.70 4.23 8.88
C THR A 24 2.99 4.14 7.38
N TRP A 25 4.26 3.92 7.05
CA TRP A 25 4.67 3.82 5.65
C TRP A 25 4.14 2.53 5.02
N CYS A 26 2.95 2.61 4.44
CA CYS A 26 2.33 1.46 3.80
C CYS A 26 1.41 1.89 2.67
N PRO A 27 2.01 2.32 1.55
CA PRO A 27 1.27 2.77 0.36
C PRO A 27 0.54 1.63 -0.34
N THR A 28 -0.53 1.13 0.28
CA THR A 28 -1.31 0.04 -0.29
C THR A 28 -2.48 0.57 -1.10
N SER A 29 -2.27 1.69 -1.78
CA SER A 29 -3.32 2.30 -2.59
C SER A 29 -3.52 1.52 -3.89
N THR A 30 -4.09 0.32 -3.78
CA THR A 30 -4.34 -0.52 -4.94
C THR A 30 -5.75 -0.35 -5.47
N SER A 31 -6.32 0.84 -5.23
CA SER A 31 -7.68 1.13 -5.67
C SER A 31 -7.85 0.82 -7.16
N HIS A 32 -9.09 0.85 -7.63
CA HIS A 32 -9.39 0.58 -9.03
C HIS A 32 -10.79 1.05 -9.39
N LEU A 33 -11.80 0.32 -8.94
CA LEU A 33 -13.19 0.67 -9.22
C LEU A 33 -13.66 1.80 -8.32
N LYS A 34 -13.01 2.95 -8.45
CA LYS A 34 -13.35 4.12 -7.65
C LYS A 34 -14.85 4.43 -7.76
N GLU A 35 -15.39 5.08 -6.73
CA GLU A 35 -16.81 5.42 -6.71
C GLU A 35 -17.16 6.28 -7.92
N ALA A 36 -16.18 6.97 -8.47
CA ALA A 36 -16.39 7.82 -9.63
C ALA A 36 -17.33 8.98 -9.30
N GLU A 37 -17.47 9.90 -10.24
CA GLU A 37 -18.34 11.06 -10.05
C GLU A 37 -19.74 10.61 -9.61
N GLU A 38 -20.23 11.21 -8.52
CA GLU A 38 -21.54 10.87 -7.99
C GLU A 38 -22.64 11.54 -8.83
N LYS A 39 -23.77 10.85 -8.97
CA LYS A 39 -24.89 11.36 -9.75
C LYS A 39 -25.27 12.76 -9.27
N GLY A 1 16.17 -3.19 4.13
CA GLY A 1 15.09 -2.45 3.51
C GLY A 1 15.10 -0.97 3.88
N ALA A 2 15.48 -0.13 2.93
CA ALA A 2 15.53 1.32 3.17
C ALA A 2 14.23 1.99 2.75
N MET A 3 14.05 3.24 3.16
CA MET A 3 12.86 4.00 2.82
C MET A 3 13.04 4.75 1.51
N GLY A 4 12.05 4.65 0.63
CA GLY A 4 12.12 5.32 -0.66
C GLY A 4 11.13 6.46 -0.76
N SER A 5 10.57 6.65 -1.95
CA SER A 5 9.61 7.72 -2.19
C SER A 5 8.64 7.34 -3.31
N VAL A 6 9.16 7.24 -4.52
CA VAL A 6 8.34 6.89 -5.68
C VAL A 6 7.65 5.54 -5.48
N ASP A 7 6.89 5.12 -6.48
CA ASP A 7 6.17 3.85 -6.41
C ASP A 7 7.12 2.72 -6.02
N SER A 8 6.72 1.95 -5.01
CA SER A 8 7.54 0.84 -4.53
C SER A 8 6.73 -0.46 -4.53
N ALA A 9 5.70 -0.50 -5.36
CA ALA A 9 4.84 -1.69 -5.46
C ALA A 9 4.12 -1.95 -4.14
N ASP A 10 2.86 -1.53 -4.08
CA ASP A 10 2.05 -1.73 -2.88
C ASP A 10 0.98 -2.80 -3.11
N ALA A 11 0.60 -2.98 -4.36
CA ALA A 11 -0.40 -3.98 -4.71
C ALA A 11 -0.04 -5.35 -4.15
N GLY A 12 1.26 -5.60 -3.99
CA GLY A 12 1.71 -6.87 -3.46
C GLY A 12 1.36 -7.04 -2.00
N GLY A 13 0.24 -7.71 -1.75
CA GLY A 13 -0.19 -7.94 -0.37
C GLY A 13 0.88 -8.60 0.47
N GLY A 14 0.60 -8.76 1.75
CA GLY A 14 1.55 -9.38 2.65
C GLY A 14 1.52 -10.89 2.58
N SER A 15 2.30 -11.55 3.43
CA SER A 15 2.37 -13.00 3.45
C SER A 15 2.80 -13.50 4.83
N GLY A 16 3.65 -12.74 5.49
CA GLY A 16 4.13 -13.12 6.81
C GLY A 16 4.46 -11.93 7.68
N TRP A 17 5.67 -11.38 7.50
CA TRP A 17 6.10 -10.22 8.29
C TRP A 17 5.20 -9.02 8.01
N LEU A 18 4.59 -9.00 6.84
CA LEU A 18 3.71 -7.90 6.46
C LEU A 18 2.44 -7.90 7.31
N THR A 19 2.38 -8.80 8.28
CA THR A 19 1.23 -8.91 9.17
C THR A 19 1.24 -7.79 10.22
N GLY A 20 2.05 -6.77 9.97
CA GLY A 20 2.13 -5.67 10.91
C GLY A 20 3.53 -5.48 11.47
N TRP A 21 4.51 -5.39 10.58
CA TRP A 21 5.90 -5.22 11.00
C TRP A 21 6.53 -4.02 10.30
N LEU A 22 5.76 -2.95 10.15
CA LEU A 22 6.25 -1.73 9.50
C LEU A 22 5.65 -0.50 10.15
N PRO A 23 6.30 0.66 9.91
CA PRO A 23 5.86 1.94 10.47
C PRO A 23 4.56 2.43 9.83
N THR A 24 4.22 3.69 10.07
CA THR A 24 3.00 4.28 9.53
C THR A 24 2.97 4.14 8.00
N TRP A 25 4.12 3.86 7.42
CA TRP A 25 4.22 3.70 5.97
C TRP A 25 3.50 2.44 5.50
N CYS A 26 2.22 2.58 5.18
CA CYS A 26 1.43 1.44 4.71
C CYS A 26 0.31 1.90 3.79
N PRO A 27 0.69 2.28 2.56
CA PRO A 27 -0.27 2.75 1.55
C PRO A 27 -1.17 1.62 1.04
N THR A 28 -2.40 1.98 0.68
CA THR A 28 -3.35 1.00 0.18
C THR A 28 -3.24 0.84 -1.34
N SER A 29 -3.19 1.97 -2.04
CA SER A 29 -3.08 1.96 -3.50
C SER A 29 -4.24 1.20 -4.13
N THR A 30 -5.27 1.95 -4.55
CA THR A 30 -6.44 1.35 -5.16
C THR A 30 -6.06 0.55 -6.40
N SER A 31 -5.12 1.07 -7.18
CA SER A 31 -4.68 0.40 -8.39
C SER A 31 -3.59 1.21 -9.08
N HIS A 32 -3.98 2.31 -9.73
CA HIS A 32 -3.05 3.17 -10.43
C HIS A 32 -3.76 4.36 -11.06
N LEU A 33 -4.56 4.09 -12.09
CA LEU A 33 -5.30 5.14 -12.78
C LEU A 33 -6.52 5.57 -11.96
N LYS A 34 -6.26 6.15 -10.79
CA LYS A 34 -7.34 6.61 -9.91
C LYS A 34 -8.29 7.53 -10.66
N GLU A 35 -9.54 7.56 -10.22
CA GLU A 35 -10.56 8.41 -10.85
C GLU A 35 -10.06 9.84 -10.98
N ALA A 36 -9.95 10.31 -12.22
CA ALA A 36 -9.49 11.67 -12.49
C ALA A 36 -10.43 12.39 -13.45
N GLU A 37 -10.01 13.55 -13.93
CA GLU A 37 -10.81 14.33 -14.86
C GLU A 37 -9.93 15.32 -15.63
N GLU A 38 -8.84 14.81 -16.20
CA GLU A 38 -7.92 15.65 -16.97
C GLU A 38 -8.67 16.43 -18.04
N LYS A 39 -8.29 17.69 -18.22
CA LYS A 39 -8.92 18.55 -19.21
C LYS A 39 -10.42 18.68 -18.94
N GLY A 1 -7.09 9.95 16.96
CA GLY A 1 -5.76 9.92 16.40
C GLY A 1 -5.65 10.72 15.11
N ALA A 2 -4.43 11.17 14.79
CA ALA A 2 -4.21 11.95 13.58
C ALA A 2 -3.77 11.05 12.43
N MET A 3 -3.79 11.59 11.22
CA MET A 3 -3.39 10.85 10.04
C MET A 3 -3.38 11.74 8.80
N GLY A 4 -2.83 11.22 7.71
CA GLY A 4 -2.77 11.99 6.47
C GLY A 4 -1.50 11.73 5.70
N SER A 5 -1.59 11.79 4.37
CA SER A 5 -0.44 11.55 3.51
C SER A 5 -0.81 11.75 2.04
N VAL A 6 0.16 11.50 1.16
CA VAL A 6 -0.07 11.66 -0.28
C VAL A 6 -0.04 10.31 -0.99
N ASP A 7 -0.21 10.33 -2.30
CA ASP A 7 -0.20 9.11 -3.10
C ASP A 7 1.15 8.41 -3.00
N SER A 8 1.24 7.44 -2.09
CA SER A 8 2.49 6.70 -1.90
C SER A 8 2.25 5.20 -2.05
N ALA A 9 1.20 4.85 -2.79
CA ALA A 9 0.87 3.44 -3.02
C ALA A 9 2.08 2.67 -3.53
N ASP A 10 2.61 1.80 -2.68
CA ASP A 10 3.77 0.99 -3.04
C ASP A 10 3.41 -0.49 -3.12
N ALA A 11 2.82 -1.01 -2.04
CA ALA A 11 2.41 -2.41 -1.99
C ALA A 11 1.66 -2.71 -0.69
N GLY A 12 0.51 -2.07 -0.52
CA GLY A 12 -0.28 -2.27 0.68
C GLY A 12 -0.54 -3.74 0.95
N GLY A 13 -0.62 -4.54 -0.11
CA GLY A 13 -0.86 -5.96 0.03
C GLY A 13 0.10 -6.62 1.01
N GLY A 14 -0.15 -7.88 1.32
CA GLY A 14 0.70 -8.60 2.25
C GLY A 14 0.59 -10.10 2.09
N SER A 15 1.42 -10.84 2.83
CA SER A 15 1.42 -12.30 2.76
C SER A 15 1.90 -12.89 4.08
N GLY A 16 2.84 -12.22 4.72
CA GLY A 16 3.37 -12.70 5.98
C GLY A 16 3.80 -11.58 6.91
N TRP A 17 5.01 -11.08 6.70
CA TRP A 17 5.53 -9.99 7.53
C TRP A 17 4.68 -8.73 7.37
N LEU A 18 4.02 -8.61 6.23
CA LEU A 18 3.17 -7.46 5.95
C LEU A 18 1.94 -7.45 6.86
N THR A 19 1.90 -8.41 7.79
CA THR A 19 0.78 -8.51 8.73
C THR A 19 0.88 -7.47 9.83
N GLY A 20 1.72 -6.47 9.60
CA GLY A 20 1.90 -5.41 10.59
C GLY A 20 3.33 -5.31 11.09
N TRP A 21 4.27 -5.20 10.15
CA TRP A 21 5.68 -5.10 10.50
C TRP A 21 6.33 -3.90 9.81
N LEU A 22 5.59 -2.80 9.75
CA LEU A 22 6.09 -1.58 9.11
C LEU A 22 5.59 -0.34 9.85
N PRO A 23 6.28 0.79 9.62
CA PRO A 23 5.91 2.07 10.25
C PRO A 23 4.61 2.63 9.71
N THR A 24 4.35 3.90 10.00
CA THR A 24 3.13 4.57 9.53
C THR A 24 2.98 4.45 8.02
N TRP A 25 4.07 4.12 7.35
CA TRP A 25 4.06 3.97 5.90
C TRP A 25 3.32 2.71 5.48
N CYS A 26 2.02 2.84 5.25
CA CYS A 26 1.19 1.71 4.85
C CYS A 26 0.02 2.17 3.99
N PRO A 27 0.29 2.46 2.71
CA PRO A 27 -0.73 2.91 1.77
C PRO A 27 -1.72 1.81 1.41
N THR A 28 -2.55 2.07 0.41
CA THR A 28 -3.55 1.11 -0.04
C THR A 28 -3.24 0.61 -1.45
N SER A 29 -1.96 0.46 -1.75
CA SER A 29 -1.53 -0.01 -3.07
C SER A 29 -1.90 -1.48 -3.27
N THR A 30 -2.82 -1.73 -4.19
CA THR A 30 -3.27 -3.08 -4.48
C THR A 30 -2.73 -3.56 -5.83
N SER A 31 -1.64 -2.94 -6.28
CA SER A 31 -1.04 -3.31 -7.56
C SER A 31 -2.02 -3.10 -8.70
N HIS A 32 -1.88 -1.97 -9.40
CA HIS A 32 -2.76 -1.65 -10.52
C HIS A 32 -2.18 -0.51 -11.35
N LEU A 33 -2.27 0.70 -10.81
CA LEU A 33 -1.75 1.88 -11.51
C LEU A 33 -0.24 1.97 -11.37
N LYS A 34 0.46 0.97 -11.89
CA LYS A 34 1.92 0.94 -11.83
C LYS A 34 2.51 2.23 -12.39
N GLU A 35 3.70 2.58 -11.91
CA GLU A 35 4.38 3.80 -12.36
C GLU A 35 4.83 3.67 -13.82
N ALA A 36 5.56 4.67 -14.30
CA ALA A 36 6.04 4.66 -15.67
C ALA A 36 7.02 3.51 -15.91
N GLU A 37 6.65 2.62 -16.82
CA GLU A 37 7.50 1.47 -17.14
C GLU A 37 6.87 0.62 -18.24
N GLU A 38 7.64 -0.34 -18.75
CA GLU A 38 7.15 -1.21 -19.81
C GLU A 38 6.95 -2.63 -19.29
N LYS A 39 5.93 -3.31 -19.82
CA LYS A 39 5.63 -4.67 -19.41
C LYS A 39 5.98 -5.66 -20.50
#